data_6IEA
#
_entry.id   6IEA
#
_cell.length_a   42.210
_cell.length_b   97.107
_cell.length_c   112.504
_cell.angle_alpha   90.00
_cell.angle_beta   96.30
_cell.angle_gamma   90.00
#
_symmetry.space_group_name_H-M   'P 1 21 1'
#
loop_
_entity.id
_entity.type
_entity.pdbx_description
1 polymer NSmGnGc
2 polymer 'R13 L chain'
3 polymer 'R13 H chain'
4 non-polymer GLYCEROL
5 non-polymer DI(HYDROXYETHYL)ETHER
6 water water
#
loop_
_entity_poly.entity_id
_entity_poly.type
_entity_poly.pdbx_seq_one_letter_code
_entity_poly.pdbx_strand_id
1 'polypeptide(L)'
;EDPHLRNRPGKGHNYIDGMTQEDATCKPVTYAGACSSFDVLLEKGKFPLFQSYAHHRTLLEAVHDTIIAKADPPSCDLQS
AHGNPCMKEKLVMKTHCPNDYQSAHYLNNDGKMASVKCPPKYELTEDCNFCRQMTGASLKKGSYPLQDLFCQSSEDDGSK
LKTKMKGVCEVGVQALKKCDGQLSTAHEVVPFAVFKNSKKVYLDKLDLKTEENLLPDSFVCFEHKGQYKGTIDSGQTKRE
LKSFDISQCPKIGGHGSKKCTGDAAFCSAYECTAQYANAYCSHANGSGIVQIQVSGVWKKPLCVGYERVVVKRELS
;
A
2 'polypeptide(L)'
;LPVLTQPPSSSASPGESARLTCTLPSDINVGSYNIYWYQQKPGSPPRYLLYYYSDSDKGQGSGVPSRFSGSKDASANTGI
LLISGLQSEDEADYYCMIWPSNAWVFGGGTKLTVLGQPKAAPSVTLFPPSSEELQANKATLVCLISDFYPGAVTVAWKAD
SSPVKAGVETTTPSKQSNNKYAASSYLSLTPEQWKSHRSYSCQVTHEGSTVEKTVAPT
;
L
3 'polypeptide(L)'
;QVQLQESGPGLVKPSQTLSLTCTVSGGSISSGGYYWSWIRQHPGKGLEWIGYIYDSGSTYYNPSLKSRVTISVDTSKNQF
SLKLSSVTAADTALYYCASLPYCSGRICRPRTDYWGQGTLVTVSSASTKGPSVFPLAPSSKSTSGGTAALGCLVKDYFPE
PVTVSWNSGALTSGVHTFPAVLQSSGLYSLSSVVTVPSSSLGTQTYICNVNHKPSNTKVDKRVEP
;
H
#
# COMPACT_ATOMS: atom_id res chain seq x y z
N GLU A 1 1.75 25.20 -22.10
CA GLU A 1 1.28 26.10 -21.05
C GLU A 1 2.38 26.26 -20.05
N ASP A 2 3.12 27.38 -20.16
CA ASP A 2 4.26 27.76 -19.35
C ASP A 2 4.22 27.05 -17.99
N PRO A 3 3.21 27.26 -17.14
CA PRO A 3 3.22 26.62 -15.82
C PRO A 3 2.53 25.26 -15.73
N HIS A 4 1.88 24.77 -16.80
CA HIS A 4 1.04 23.58 -16.72
C HIS A 4 1.54 22.43 -17.57
N LEU A 5 2.85 22.40 -17.87
CA LEU A 5 3.38 21.33 -18.72
C LEU A 5 3.25 19.98 -18.06
N ARG A 6 3.25 19.92 -16.72
CA ARG A 6 3.08 18.67 -16.00
C ARG A 6 1.61 18.33 -15.76
N ASN A 7 0.68 19.19 -16.18
CA ASN A 7 -0.76 18.93 -16.12
C ASN A 7 -1.11 18.22 -17.43
N ARG A 8 -1.09 16.89 -17.41
CA ARG A 8 -1.03 16.09 -18.63
C ARG A 8 -2.43 15.86 -19.24
N PRO A 9 -2.51 15.71 -20.56
CA PRO A 9 -3.78 15.27 -21.16
C PRO A 9 -4.04 13.83 -20.80
N GLY A 10 -5.32 13.46 -20.81
CA GLY A 10 -5.57 12.05 -20.54
C GLY A 10 -5.09 11.66 -19.15
N LYS A 11 -4.70 10.38 -19.01
CA LYS A 11 -4.34 9.89 -17.68
C LYS A 11 -3.01 10.43 -17.20
N GLY A 12 -2.10 10.75 -18.11
CA GLY A 12 -0.78 11.19 -17.65
C GLY A 12 0.13 10.11 -17.10
N HIS A 13 -0.07 8.87 -17.51
CA HIS A 13 0.77 7.79 -16.99
C HIS A 13 2.08 7.68 -17.77
N ASN A 14 3.20 7.95 -17.08
CA ASN A 14 4.51 7.85 -17.71
C ASN A 14 5.39 6.82 -17.01
N TYR A 15 4.96 5.56 -17.07
CA TYR A 15 5.80 4.46 -16.65
C TYR A 15 5.75 3.39 -17.74
N ILE A 16 6.66 2.45 -17.66
CA ILE A 16 6.65 1.29 -18.53
C ILE A 16 6.37 0.05 -17.69
N ASP A 17 5.55 -0.84 -18.23
CA ASP A 17 5.17 -2.05 -17.50
C ASP A 17 6.42 -2.78 -17.00
N GLY A 18 6.32 -3.30 -15.78
CA GLY A 18 7.43 -3.94 -15.10
C GLY A 18 8.35 -3.02 -14.34
N MET A 19 8.23 -1.70 -14.52
CA MET A 19 9.05 -0.74 -13.79
C MET A 19 8.16 0.23 -13.07
N THR A 20 7.59 -0.22 -11.94
CA THR A 20 6.53 0.51 -11.27
C THR A 20 6.97 1.14 -9.96
N GLN A 21 8.27 1.26 -9.71
CA GLN A 21 8.74 1.80 -8.43
C GLN A 21 8.68 3.32 -8.38
N GLU A 22 8.29 3.95 -9.48
CA GLU A 22 8.15 5.39 -9.60
C GLU A 22 6.68 5.82 -9.75
N ASP A 23 5.72 4.91 -9.48
CA ASP A 23 4.34 5.22 -9.75
C ASP A 23 3.83 6.40 -8.93
N ALA A 24 4.37 6.61 -7.72
CA ALA A 24 3.87 7.73 -6.91
C ALA A 24 3.95 9.04 -7.69
N THR A 25 5.03 9.25 -8.45
CA THR A 25 5.22 10.53 -9.16
C THR A 25 5.02 10.46 -10.66
N CYS A 26 4.84 9.25 -11.23
CA CYS A 26 4.70 9.03 -12.68
C CYS A 26 3.33 8.55 -13.08
N LYS A 27 2.54 8.11 -12.14
CA LYS A 27 1.25 7.50 -12.45
C LYS A 27 0.19 8.18 -11.60
N PRO A 28 -0.17 9.42 -11.94
CA PRO A 28 0.26 10.19 -13.11
C PRO A 28 1.40 11.16 -12.79
N VAL A 29 2.07 11.62 -13.85
CA VAL A 29 2.85 12.84 -13.76
C VAL A 29 1.92 13.99 -13.39
N THR A 30 2.37 14.86 -12.48
CA THR A 30 1.63 16.06 -12.15
C THR A 30 2.62 17.12 -11.64
N TYR A 31 2.10 18.16 -10.98
CA TYR A 31 2.90 19.35 -10.71
C TYR A 31 4.11 19.04 -9.83
N ALA A 32 3.90 18.26 -8.77
CA ALA A 32 4.95 17.88 -7.82
C ALA A 32 5.64 16.58 -8.23
N GLY A 33 6.92 16.44 -7.86
CA GLY A 33 7.63 15.19 -7.94
C GLY A 33 8.46 15.04 -9.22
N ALA A 34 9.43 14.13 -9.18
CA ALA A 34 10.36 13.86 -10.26
C ALA A 34 9.97 12.54 -10.95
N CYS A 35 10.01 12.47 -12.29
CA CYS A 35 9.68 11.18 -12.89
C CYS A 35 10.73 10.92 -13.98
N SER A 36 11.53 9.85 -13.84
CA SER A 36 12.67 9.68 -14.75
C SER A 36 12.26 9.36 -16.19
N SER A 37 11.02 8.93 -16.45
CA SER A 37 10.59 8.64 -17.82
C SER A 37 10.05 9.88 -18.52
N PHE A 38 9.83 10.99 -17.80
CA PHE A 38 9.14 12.16 -18.32
C PHE A 38 9.92 13.46 -18.22
N ASP A 39 10.63 13.71 -17.11
CA ASP A 39 11.27 15.02 -16.90
C ASP A 39 12.27 15.37 -18.00
N VAL A 40 12.98 14.38 -18.55
CA VAL A 40 13.97 14.64 -19.60
C VAL A 40 13.31 15.28 -20.82
N LEU A 41 12.03 15.06 -21.03
CA LEU A 41 11.36 15.62 -22.19
C LEU A 41 11.22 17.13 -22.12
N LEU A 42 11.29 17.72 -20.93
CA LEU A 42 11.13 19.17 -20.76
C LEU A 42 12.46 19.89 -20.60
N GLU A 43 13.59 19.19 -20.73
CA GLU A 43 14.88 19.86 -20.70
C GLU A 43 15.07 20.63 -22.00
N LYS A 44 15.18 21.96 -21.91
CA LYS A 44 15.16 22.75 -23.14
C LYS A 44 16.40 22.48 -23.98
N GLY A 45 16.19 22.41 -25.29
CA GLY A 45 17.22 21.93 -26.19
C GLY A 45 16.84 20.56 -26.73
N LYS A 46 16.57 19.63 -25.81
CA LYS A 46 16.16 18.28 -26.13
C LYS A 46 14.69 18.26 -26.50
N PHE A 47 14.28 17.24 -27.26
CA PHE A 47 12.90 17.02 -27.66
C PHE A 47 12.19 18.31 -28.09
N PRO A 48 12.71 19.01 -29.12
CA PRO A 48 12.08 20.27 -29.53
C PRO A 48 10.73 20.08 -30.19
N LEU A 49 10.49 18.95 -30.86
CA LEU A 49 9.15 18.76 -31.40
C LEU A 49 8.15 18.53 -30.27
N PHE A 50 8.49 17.66 -29.31
CA PHE A 50 7.54 17.44 -28.23
C PHE A 50 7.29 18.74 -27.46
N GLN A 51 8.32 19.55 -27.27
CA GLN A 51 8.13 20.79 -26.53
C GLN A 51 7.25 21.76 -27.30
N SER A 52 7.23 21.67 -28.64
CA SER A 52 6.29 22.42 -29.47
C SER A 52 4.87 21.90 -29.37
N TYR A 53 4.68 20.67 -28.90
CA TYR A 53 3.35 20.07 -28.79
C TYR A 53 3.20 19.43 -27.43
N ALA A 54 3.61 20.15 -26.39
CA ALA A 54 3.84 19.50 -25.11
C ALA A 54 2.55 19.16 -24.40
N HIS A 55 1.40 19.65 -24.87
CA HIS A 55 0.11 19.23 -24.35
C HIS A 55 -0.48 18.07 -25.11
N HIS A 56 0.26 17.52 -26.06
CA HIS A 56 -0.10 16.24 -26.63
C HIS A 56 0.57 15.13 -25.82
N ARG A 57 0.25 13.89 -26.13
CA ARG A 57 0.67 12.78 -25.28
C ARG A 57 2.10 12.33 -25.59
N THR A 58 2.78 11.82 -24.56
CA THR A 58 4.04 11.12 -24.76
C THR A 58 3.77 9.71 -25.27
N LEU A 59 4.83 9.00 -25.66
CA LEU A 59 4.63 7.61 -26.09
C LEU A 59 4.05 6.76 -24.95
N LEU A 60 4.62 6.87 -23.75
CA LEU A 60 4.12 6.04 -22.67
C LEU A 60 2.69 6.43 -22.32
N GLU A 61 2.38 7.73 -22.33
CA GLU A 61 1.00 8.15 -22.10
C GLU A 61 0.08 7.56 -23.15
N ALA A 62 0.51 7.57 -24.41
CA ALA A 62 -0.34 7.05 -25.47
C ALA A 62 -0.59 5.57 -25.27
N VAL A 63 0.42 4.83 -24.82
CA VAL A 63 0.25 3.40 -24.56
C VAL A 63 -0.77 3.18 -23.46
N HIS A 64 -0.66 3.95 -22.39
CA HIS A 64 -1.56 3.69 -21.28
C HIS A 64 -2.98 4.21 -21.52
N ASP A 65 -3.15 5.15 -22.46
CA ASP A 65 -4.50 5.53 -22.90
C ASP A 65 -5.03 4.62 -24.01
N THR A 66 -4.34 3.51 -24.27
CA THR A 66 -4.68 2.53 -25.29
C THR A 66 -4.77 3.16 -26.69
N ILE A 67 -3.93 4.17 -26.96
CA ILE A 67 -3.79 4.72 -28.31
C ILE A 67 -2.76 3.95 -29.12
N ILE A 68 -1.65 3.57 -28.48
CA ILE A 68 -0.58 2.81 -29.11
C ILE A 68 -0.45 1.48 -28.39
N ALA A 69 -0.35 0.39 -29.16
CA ALA A 69 -0.24 -0.94 -28.60
C ALA A 69 1.21 -1.26 -28.21
N LYS A 70 1.36 -2.18 -27.25
CA LYS A 70 2.68 -2.65 -26.85
CA LYS A 70 2.68 -2.65 -26.85
C LYS A 70 3.19 -3.69 -27.84
N ALA A 71 4.49 -3.65 -28.11
CA ALA A 71 5.05 -4.67 -29.00
C ALA A 71 5.07 -6.03 -28.27
N ASP A 72 5.22 -7.09 -29.04
CA ASP A 72 5.33 -8.44 -28.48
C ASP A 72 6.61 -9.09 -29.01
N PRO A 73 7.62 -9.30 -28.16
CA PRO A 73 7.67 -9.02 -26.73
C PRO A 73 7.75 -7.52 -26.40
N PRO A 74 7.28 -7.12 -25.22
CA PRO A 74 7.27 -5.69 -24.88
C PRO A 74 8.63 -5.13 -24.54
N SER A 75 9.62 -6.00 -24.29
CA SER A 75 10.97 -5.56 -23.96
C SER A 75 11.96 -6.59 -24.49
N CYS A 76 13.09 -6.10 -24.96
CA CYS A 76 14.13 -6.92 -25.57
C CYS A 76 15.30 -7.06 -24.60
N ASP A 77 15.68 -8.31 -24.32
CA ASP A 77 16.78 -8.61 -23.42
C ASP A 77 18.09 -8.25 -24.11
N LEU A 78 18.56 -7.02 -23.90
CA LEU A 78 19.72 -6.49 -24.63
C LEU A 78 20.95 -7.35 -24.43
N GLN A 79 21.19 -7.79 -23.21
CA GLN A 79 22.43 -8.48 -22.92
C GLN A 79 22.46 -9.89 -23.49
N SER A 80 21.29 -10.48 -23.78
CA SER A 80 21.17 -11.90 -24.13
C SER A 80 22.12 -12.31 -25.23
N ALA A 81 22.92 -13.35 -24.95
CA ALA A 81 23.88 -13.85 -25.94
C ALA A 81 23.17 -14.34 -27.21
N HIS A 82 21.93 -14.79 -27.10
CA HIS A 82 21.16 -15.29 -28.23
C HIS A 82 20.55 -14.20 -29.10
N GLY A 83 20.79 -12.92 -28.79
CA GLY A 83 20.18 -11.84 -29.53
C GLY A 83 18.76 -11.55 -29.06
N ASN A 84 18.11 -10.65 -29.79
CA ASN A 84 16.74 -10.24 -29.46
C ASN A 84 16.12 -9.60 -30.70
N PRO A 85 14.79 -9.55 -30.77
CA PRO A 85 14.13 -9.03 -31.98
C PRO A 85 14.17 -7.53 -32.13
N CYS A 86 14.62 -6.77 -31.13
CA CYS A 86 14.76 -5.33 -31.32
C CYS A 86 16.08 -4.95 -31.96
N MET A 87 17.03 -5.88 -32.01
CA MET A 87 18.42 -5.50 -32.22
C MET A 87 18.59 -4.78 -33.55
N LYS A 88 18.04 -5.37 -34.62
CA LYS A 88 18.15 -4.78 -35.95
C LYS A 88 17.58 -3.37 -35.98
N GLU A 89 16.36 -3.20 -35.46
CA GLU A 89 15.73 -1.88 -35.43
C GLU A 89 16.56 -0.89 -34.62
N LYS A 90 17.06 -1.32 -33.46
CA LYS A 90 17.79 -0.39 -32.60
C LYS A 90 19.08 0.05 -33.25
N LEU A 91 19.76 -0.86 -33.95
CA LEU A 91 21.11 -0.56 -34.41
C LEU A 91 21.11 0.49 -35.52
N VAL A 92 20.01 0.61 -36.28
CA VAL A 92 19.94 1.65 -37.30
C VAL A 92 19.56 3.00 -36.74
N MET A 93 19.32 3.11 -35.43
CA MET A 93 19.01 4.38 -34.78
C MET A 93 20.24 4.92 -34.07
N LYS A 94 20.60 6.15 -34.37
CA LYS A 94 21.66 6.82 -33.62
C LYS A 94 21.01 7.58 -32.47
N THR A 95 21.23 7.09 -31.24
CA THR A 95 20.56 7.56 -30.03
C THR A 95 21.60 7.87 -28.96
N HIS A 96 21.25 8.75 -28.03
CA HIS A 96 22.11 9.03 -26.89
C HIS A 96 21.32 8.78 -25.60
N CYS A 97 21.85 7.91 -24.74
CA CYS A 97 21.21 7.56 -23.48
C CYS A 97 22.01 8.13 -22.32
N PRO A 98 21.42 8.95 -21.45
CA PRO A 98 22.10 9.29 -20.20
C PRO A 98 22.38 8.02 -19.39
N ASN A 99 23.29 8.14 -18.42
CA ASN A 99 23.62 7.00 -17.56
C ASN A 99 22.46 6.67 -16.62
N ASP A 100 22.55 5.47 -16.01
CA ASP A 100 21.67 4.99 -14.95
C ASP A 100 20.29 4.56 -15.42
N TYR A 101 20.08 4.39 -16.73
CA TYR A 101 18.80 3.85 -17.22
C TYR A 101 18.94 2.36 -17.50
N GLN A 102 18.00 1.57 -16.98
CA GLN A 102 17.89 0.15 -17.26
C GLN A 102 17.03 -0.12 -18.48
N SER A 103 16.33 0.89 -19.00
CA SER A 103 15.35 0.67 -20.04
C SER A 103 15.28 1.92 -20.91
N ALA A 104 14.97 1.73 -22.19
CA ALA A 104 14.65 2.83 -23.10
C ALA A 104 13.62 2.33 -24.10
N HIS A 105 12.71 3.22 -24.55
CA HIS A 105 11.54 2.79 -25.30
C HIS A 105 11.39 3.57 -26.61
N TYR A 106 10.74 2.95 -27.58
CA TYR A 106 10.58 3.59 -28.88
C TYR A 106 9.39 3.02 -29.62
N LEU A 107 8.86 3.82 -30.55
CA LEU A 107 7.87 3.40 -31.53
C LEU A 107 8.57 2.61 -32.63
N ASN A 108 8.21 1.32 -32.78
CA ASN A 108 8.92 0.46 -33.72
C ASN A 108 8.31 0.58 -35.12
N ASN A 109 8.80 -0.25 -36.05
CA ASN A 109 8.36 -0.16 -37.44
C ASN A 109 6.91 -0.56 -37.62
N ASP A 110 6.34 -1.30 -36.68
CA ASP A 110 4.93 -1.69 -36.70
C ASP A 110 4.02 -0.65 -36.08
N GLY A 111 4.56 0.45 -35.56
CA GLY A 111 3.74 1.41 -34.86
C GLY A 111 3.32 0.96 -33.48
N LYS A 112 4.11 0.08 -32.86
CA LYS A 112 3.90 -0.35 -31.49
C LYS A 112 5.09 0.05 -30.63
N MET A 113 4.89 0.14 -29.32
CA MET A 113 5.99 0.53 -28.46
C MET A 113 6.83 -0.70 -28.11
N ALA A 114 8.13 -0.60 -28.39
CA ALA A 114 9.10 -1.59 -27.99
C ALA A 114 10.08 -0.95 -27.02
N SER A 115 10.91 -1.78 -26.41
CA SER A 115 11.87 -1.25 -25.47
C SER A 115 13.07 -2.17 -25.43
N VAL A 116 14.24 -1.59 -25.15
CA VAL A 116 15.44 -2.35 -24.83
C VAL A 116 15.67 -2.24 -23.32
N LYS A 117 16.11 -3.33 -22.71
CA LYS A 117 16.16 -3.41 -21.25
C LYS A 117 17.40 -4.16 -20.80
N CYS A 118 18.07 -3.63 -19.81
CA CYS A 118 19.19 -4.33 -19.19
C CYS A 118 18.75 -5.11 -17.95
N PRO A 119 19.56 -6.06 -17.49
CA PRO A 119 19.26 -6.76 -16.24
C PRO A 119 19.45 -5.83 -15.06
N PRO A 120 18.88 -6.15 -13.90
CA PRO A 120 19.07 -5.29 -12.73
C PRO A 120 20.55 -5.13 -12.45
N LYS A 121 20.91 -3.97 -11.92
CA LYS A 121 22.29 -3.56 -11.67
C LYS A 121 23.05 -3.22 -12.95
N TYR A 122 22.41 -3.22 -14.11
CA TYR A 122 23.08 -2.82 -15.34
C TYR A 122 22.40 -1.58 -15.94
N GLU A 123 23.17 -0.76 -16.63
CA GLU A 123 22.66 0.42 -17.30
C GLU A 123 22.94 0.36 -18.80
N LEU A 124 22.16 1.11 -19.55
CA LEU A 124 22.42 1.26 -20.98
C LEU A 124 23.66 2.09 -21.24
N THR A 125 24.47 1.67 -22.23
CA THR A 125 25.61 2.49 -22.61
C THR A 125 25.13 3.77 -23.29
N GLU A 126 26.07 4.67 -23.56
CA GLU A 126 25.69 6.00 -24.04
C GLU A 126 25.06 5.96 -25.44
N ASP A 127 25.32 4.93 -26.24
CA ASP A 127 24.65 4.78 -27.52
C ASP A 127 23.41 3.89 -27.44
N CYS A 128 23.05 3.42 -26.24
CA CYS A 128 21.84 2.63 -25.96
C CYS A 128 21.86 1.26 -26.62
N ASN A 129 23.01 0.82 -27.14
CA ASN A 129 23.11 -0.46 -27.83
C ASN A 129 23.60 -1.60 -26.95
N PHE A 130 24.19 -1.29 -25.80
CA PHE A 130 24.74 -2.35 -24.95
C PHE A 130 24.36 -2.07 -23.49
N CYS A 131 24.53 -3.10 -22.66
CA CYS A 131 24.37 -3.02 -21.22
C CYS A 131 25.73 -3.15 -20.56
N ARG A 132 25.93 -2.41 -19.47
CA ARG A 132 27.13 -2.58 -18.66
C ARG A 132 26.75 -2.39 -17.18
N GLN A 133 27.60 -2.90 -16.30
CA GLN A 133 27.35 -2.74 -14.87
C GLN A 133 27.19 -1.26 -14.52
N MET A 134 26.23 -0.97 -13.64
CA MET A 134 25.86 0.42 -13.39
C MET A 134 27.02 1.19 -12.77
N THR A 135 27.13 2.45 -13.16
CA THR A 135 28.22 3.32 -12.73
C THR A 135 27.91 4.06 -11.43
N GLY A 136 26.63 4.17 -11.05
CA GLY A 136 26.23 4.95 -9.89
C GLY A 136 25.87 4.08 -8.70
N ALA A 137 25.29 4.74 -7.69
CA ALA A 137 24.80 4.02 -6.52
C ALA A 137 23.48 3.32 -6.79
N SER A 138 22.71 3.78 -7.78
CA SER A 138 21.38 3.24 -8.04
C SER A 138 20.98 3.55 -9.47
N LEU A 139 20.10 2.72 -10.03
CA LEU A 139 19.49 3.00 -11.33
C LEU A 139 18.27 3.90 -11.18
N LYS A 140 17.95 4.65 -12.23
CA LYS A 140 16.64 5.28 -12.32
C LYS A 140 15.54 4.21 -12.37
N LYS A 141 14.32 4.64 -12.06
CA LYS A 141 13.22 3.73 -11.93
C LYS A 141 12.42 3.56 -13.21
N GLY A 142 12.67 4.41 -14.22
CA GLY A 142 11.85 4.46 -15.43
C GLY A 142 12.60 4.12 -16.71
N SER A 143 12.18 4.70 -17.84
CA SER A 143 12.64 4.29 -19.15
C SER A 143 12.88 5.54 -19.99
N TYR A 144 13.98 5.56 -20.71
CA TYR A 144 14.34 6.76 -21.44
C TYR A 144 13.64 6.81 -22.81
N PRO A 145 12.97 7.91 -23.14
CA PRO A 145 12.32 8.00 -24.47
C PRO A 145 13.33 8.30 -25.56
N LEU A 146 13.46 7.38 -26.51
CA LEU A 146 14.51 7.46 -27.51
C LEU A 146 14.17 8.33 -28.71
N GLN A 147 12.92 8.76 -28.84
CA GLN A 147 12.50 9.55 -29.98
C GLN A 147 11.83 10.84 -29.52
N ASP A 148 11.90 11.85 -30.36
CA ASP A 148 11.22 13.12 -30.14
C ASP A 148 9.88 13.04 -30.84
N LEU A 149 8.79 12.83 -30.08
CA LEU A 149 7.51 12.56 -30.72
C LEU A 149 6.37 13.05 -29.82
N PHE A 150 5.16 13.11 -30.39
CA PHE A 150 3.94 13.36 -29.63
C PHE A 150 2.81 12.52 -30.25
N CYS A 151 1.79 12.21 -29.46
CA CYS A 151 0.68 11.36 -29.90
C CYS A 151 -0.69 11.94 -29.57
N GLN A 152 -1.70 11.36 -30.24
CA GLN A 152 -3.11 11.71 -30.10
C GLN A 152 -3.95 10.53 -30.59
N SER A 153 -5.19 10.46 -30.12
CA SER A 153 -6.10 9.44 -30.60
CA SER A 153 -6.11 9.45 -30.58
C SER A 153 -6.59 9.81 -31.99
N SER A 154 -6.90 8.79 -32.78
CA SER A 154 -7.34 9.03 -34.15
C SER A 154 -8.03 7.81 -34.70
N GLU A 155 -9.07 8.05 -35.48
CA GLU A 155 -9.77 6.99 -36.21
C GLU A 155 -9.60 7.12 -37.71
N ASP A 156 -8.62 7.90 -38.16
CA ASP A 156 -8.39 8.10 -39.58
C ASP A 156 -7.57 6.93 -40.12
N ASP A 157 -8.16 6.17 -41.03
CA ASP A 157 -7.53 4.95 -41.53
C ASP A 157 -6.33 5.28 -42.40
N GLY A 158 -5.19 4.68 -42.10
CA GLY A 158 -3.98 4.91 -42.85
C GLY A 158 -3.47 3.67 -43.55
N SER A 159 -4.39 2.75 -43.87
CA SER A 159 -3.99 1.45 -44.40
C SER A 159 -3.25 1.58 -45.73
N LYS A 160 -3.53 2.63 -46.50
CA LYS A 160 -2.93 2.78 -47.82
C LYS A 160 -1.62 3.55 -47.79
N LEU A 161 -1.28 4.21 -46.69
CA LEU A 161 -0.11 5.10 -46.65
C LEU A 161 1.16 4.31 -46.45
N LYS A 162 2.18 4.66 -47.23
CA LYS A 162 3.49 4.05 -47.13
C LYS A 162 4.56 5.13 -47.26
N THR A 163 5.77 4.78 -46.79
CA THR A 163 6.93 5.65 -46.93
C THR A 163 7.23 5.98 -48.38
N LYS A 164 7.32 7.28 -48.69
CA LYS A 164 7.74 7.80 -49.99
C LYS A 164 8.86 8.81 -49.75
N MET A 165 10.07 8.49 -50.19
CA MET A 165 11.18 9.44 -50.09
C MET A 165 11.99 9.43 -51.37
N LYS A 166 12.15 10.61 -51.97
CA LYS A 166 12.79 10.73 -53.27
C LYS A 166 14.26 10.33 -53.17
N GLY A 167 14.66 9.39 -54.01
CA GLY A 167 16.06 9.03 -54.11
C GLY A 167 16.62 8.27 -52.93
N VAL A 168 15.76 7.72 -52.08
CA VAL A 168 16.18 6.96 -50.90
C VAL A 168 16.07 5.48 -51.23
N CYS A 169 17.19 4.75 -51.06
CA CYS A 169 17.17 3.28 -51.20
C CYS A 169 16.74 2.61 -49.90
N GLU A 170 17.22 3.09 -48.76
CA GLU A 170 16.84 2.51 -47.47
C GLU A 170 16.78 3.62 -46.42
N VAL A 171 15.76 3.57 -45.58
CA VAL A 171 15.65 4.46 -44.43
C VAL A 171 15.31 3.60 -43.22
N GLY A 172 16.16 3.65 -42.20
CA GLY A 172 15.91 2.75 -41.07
C GLY A 172 15.95 1.32 -41.56
N VAL A 173 14.96 0.53 -41.12
CA VAL A 173 14.91 -0.87 -41.50
C VAL A 173 14.12 -1.09 -42.79
N GLN A 174 13.72 0.01 -43.44
CA GLN A 174 12.81 -0.05 -44.57
C GLN A 174 13.59 0.06 -45.89
N ALA A 175 13.56 -1.00 -46.70
CA ALA A 175 14.13 -0.97 -48.03
C ALA A 175 13.07 -0.46 -49.00
N LEU A 176 13.24 0.77 -49.48
CA LEU A 176 12.28 1.37 -50.39
C LEU A 176 12.37 0.82 -51.80
N LYS A 177 13.54 0.30 -52.19
CA LYS A 177 13.84 -0.21 -53.53
C LYS A 177 15.29 -0.66 -53.55
N LYS A 178 15.62 -1.64 -54.38
CA LYS A 178 17.02 -2.03 -54.52
C LYS A 178 17.72 -1.08 -55.48
N CYS A 179 18.86 -0.56 -55.06
CA CYS A 179 19.67 0.36 -55.86
C CYS A 179 20.92 -0.39 -56.33
N ASP A 180 21.08 -0.48 -57.64
CA ASP A 180 22.22 -1.20 -58.19
C ASP A 180 23.53 -0.46 -58.00
N GLY A 181 23.49 0.84 -57.76
CA GLY A 181 24.66 1.69 -57.84
C GLY A 181 25.35 1.94 -56.50
N GLN A 182 26.39 2.77 -56.57
CA GLN A 182 27.08 3.22 -55.37
C GLN A 182 26.15 4.12 -54.57
N LEU A 183 26.02 3.83 -53.28
CA LEU A 183 25.14 4.59 -52.39
C LEU A 183 25.95 5.39 -51.40
N SER A 184 25.43 6.53 -51.02
CA SER A 184 25.95 7.22 -49.84
C SER A 184 25.13 6.82 -48.62
N THR A 185 25.74 7.00 -47.45
CA THR A 185 25.11 6.60 -46.19
C THR A 185 25.29 7.69 -45.16
N ALA A 186 24.25 7.98 -44.38
CA ALA A 186 24.32 9.05 -43.39
C ALA A 186 23.32 8.80 -42.27
N HIS A 187 23.66 9.29 -41.09
CA HIS A 187 22.67 9.41 -40.04
C HIS A 187 21.92 10.72 -40.24
N GLU A 188 20.62 10.63 -40.53
CA GLU A 188 19.79 11.78 -40.80
C GLU A 188 18.62 11.82 -39.82
N VAL A 189 18.24 13.04 -39.43
CA VAL A 189 17.05 13.24 -38.61
C VAL A 189 15.85 13.21 -39.56
N VAL A 190 15.00 12.19 -39.44
CA VAL A 190 13.94 11.93 -40.40
C VAL A 190 12.60 12.04 -39.70
N PRO A 191 11.68 12.86 -40.18
CA PRO A 191 10.31 12.84 -39.64
C PRO A 191 9.58 11.57 -40.03
N PHE A 192 8.62 11.19 -39.19
CA PHE A 192 7.82 9.99 -39.40
C PHE A 192 6.49 10.15 -38.70
N ALA A 193 5.52 9.35 -39.12
CA ALA A 193 4.24 9.29 -38.44
C ALA A 193 3.74 7.85 -38.47
N VAL A 194 2.87 7.52 -37.51
CA VAL A 194 2.15 6.25 -37.54
C VAL A 194 0.65 6.53 -37.51
N PHE A 195 -0.09 5.78 -38.30
CA PHE A 195 -1.52 5.96 -38.43
C PHE A 195 -2.22 4.66 -38.08
N LYS A 196 -3.54 4.76 -37.90
CA LYS A 196 -4.35 3.56 -37.69
C LYS A 196 -4.14 2.58 -38.85
N ASN A 197 -3.81 1.33 -38.50
CA ASN A 197 -3.52 0.26 -39.47
C ASN A 197 -2.46 0.65 -40.49
N SER A 198 -1.45 1.40 -40.05
CA SER A 198 -0.29 1.66 -40.89
C SER A 198 0.97 1.24 -40.16
N LYS A 199 2.03 1.00 -40.93
CA LYS A 199 3.36 0.90 -40.37
C LYS A 199 3.92 2.32 -40.19
N LYS A 200 5.15 2.42 -39.67
CA LYS A 200 5.80 3.72 -39.57
C LYS A 200 5.99 4.30 -40.97
N VAL A 201 5.65 5.57 -41.13
CA VAL A 201 5.73 6.24 -42.42
C VAL A 201 6.80 7.33 -42.31
N TYR A 202 7.94 7.10 -42.95
CA TYR A 202 8.96 8.14 -43.03
C TYR A 202 8.58 9.14 -44.12
N LEU A 203 8.97 10.40 -43.90
CA LEU A 203 8.57 11.47 -44.80
C LEU A 203 9.77 12.33 -45.15
N ASP A 204 9.73 12.89 -46.36
CA ASP A 204 10.77 13.84 -46.77
C ASP A 204 10.65 15.14 -46.01
N LYS A 205 9.43 15.54 -45.68
CA LYS A 205 9.15 16.83 -45.06
C LYS A 205 8.08 16.63 -44.01
N LEU A 206 8.19 17.39 -42.92
CA LEU A 206 7.16 17.43 -41.89
C LEU A 206 6.31 18.67 -42.14
N ASP A 207 5.04 18.46 -42.50
CA ASP A 207 4.06 19.55 -42.64
C ASP A 207 2.87 19.26 -41.74
N LEU A 208 2.68 20.07 -40.69
CA LEU A 208 1.63 19.84 -39.70
C LEU A 208 0.66 21.00 -39.61
N LYS A 209 -0.56 20.71 -39.19
CA LYS A 209 -1.56 21.73 -38.90
C LYS A 209 -2.34 21.31 -37.67
N THR A 210 -2.77 22.31 -36.88
CA THR A 210 -3.55 22.10 -35.67
C THR A 210 -4.86 22.86 -35.75
N GLU A 211 -5.96 22.18 -35.45
CA GLU A 211 -7.26 22.83 -35.26
C GLU A 211 -7.48 22.95 -33.75
N GLU A 212 -7.44 24.18 -33.23
CA GLU A 212 -7.80 24.35 -31.83
C GLU A 212 -9.27 23.96 -31.64
N ASN A 213 -9.60 23.52 -30.43
CA ASN A 213 -10.98 23.19 -30.10
C ASN A 213 -11.19 23.38 -28.61
N LEU A 214 -12.41 23.04 -28.15
CA LEU A 214 -12.80 23.18 -26.75
C LEU A 214 -13.07 21.83 -26.08
N LEU A 215 -12.44 20.78 -26.58
CA LEU A 215 -12.59 19.45 -25.99
C LEU A 215 -11.82 19.32 -24.67
N PRO A 216 -12.13 18.31 -23.85
CA PRO A 216 -11.54 18.28 -22.49
C PRO A 216 -10.01 18.32 -22.47
N ASP A 217 -9.34 17.60 -23.37
CA ASP A 217 -7.88 17.61 -23.35
C ASP A 217 -7.28 18.97 -23.76
N SER A 218 -8.09 19.89 -24.28
CA SER A 218 -7.62 21.23 -24.63
C SER A 218 -7.57 22.17 -23.43
N PHE A 219 -7.87 21.69 -22.22
CA PHE A 219 -7.82 22.49 -21.02
C PHE A 219 -6.91 21.86 -19.98
N VAL A 220 -6.38 22.70 -19.09
CA VAL A 220 -5.73 22.25 -17.87
C VAL A 220 -6.41 22.95 -16.70
N CYS A 221 -6.70 22.21 -15.64
CA CYS A 221 -7.36 22.73 -14.45
C CYS A 221 -6.54 22.45 -13.20
N PHE A 222 -6.66 23.37 -12.23
CA PHE A 222 -5.92 23.28 -10.98
C PHE A 222 -6.76 23.87 -9.86
N GLU A 223 -6.45 23.47 -8.63
CA GLU A 223 -7.27 23.91 -7.50
C GLU A 223 -7.17 25.41 -7.32
N HIS A 224 -8.32 26.05 -7.11
CA HIS A 224 -8.44 27.51 -7.04
C HIS A 224 -8.43 28.01 -5.59
N GLU A 240 2.40 26.57 -5.36
CA GLU A 240 2.22 25.12 -5.35
C GLU A 240 0.84 24.70 -5.88
N LEU A 241 0.81 24.25 -7.12
CA LEU A 241 -0.43 23.89 -7.79
C LEU A 241 -0.81 22.45 -7.53
N LYS A 242 -2.11 22.20 -7.49
CA LYS A 242 -2.70 20.86 -7.47
C LYS A 242 -3.60 20.74 -8.67
N SER A 243 -3.44 19.69 -9.47
CA SER A 243 -4.29 19.57 -10.63
C SER A 243 -5.67 19.06 -10.23
N PHE A 244 -6.61 19.21 -11.16
CA PHE A 244 -8.02 19.00 -10.91
C PHE A 244 -8.59 18.37 -12.17
N ASP A 245 -9.46 17.37 -12.02
CA ASP A 245 -10.02 16.65 -13.16
C ASP A 245 -11.24 17.41 -13.68
N ILE A 246 -11.11 17.94 -14.91
CA ILE A 246 -12.15 18.73 -15.56
C ILE A 246 -13.47 17.99 -15.72
N SER A 247 -13.46 16.65 -15.69
CA SER A 247 -14.73 15.94 -15.83
C SER A 247 -15.68 16.20 -14.67
N GLN A 248 -15.20 16.76 -13.56
CA GLN A 248 -16.09 17.15 -12.48
C GLN A 248 -16.81 18.46 -12.73
N CYS A 249 -16.40 19.23 -13.78
CA CYS A 249 -16.95 20.55 -14.08
C CYS A 249 -18.21 20.42 -14.91
N PRO A 250 -19.31 21.08 -14.51
CA PRO A 250 -20.53 21.01 -15.32
C PRO A 250 -20.36 21.77 -16.63
N LYS A 251 -20.90 21.18 -17.69
CA LYS A 251 -21.07 21.92 -18.94
C LYS A 251 -22.17 22.97 -18.76
N ILE A 252 -22.18 23.96 -19.66
CA ILE A 252 -23.26 24.95 -19.63
C ILE A 252 -24.60 24.25 -19.75
N GLY A 253 -25.54 24.61 -18.88
CA GLY A 253 -26.81 23.93 -18.84
C GLY A 253 -26.79 22.51 -18.30
N GLY A 254 -25.66 22.07 -17.75
CA GLY A 254 -25.53 20.68 -17.37
C GLY A 254 -25.30 20.47 -15.89
N HIS A 255 -24.94 19.24 -15.52
CA HIS A 255 -24.66 18.84 -14.15
C HIS A 255 -23.21 18.40 -14.02
N GLY A 256 -22.64 18.63 -12.84
CA GLY A 256 -21.29 18.20 -12.54
C GLY A 256 -21.13 18.08 -11.04
N SER A 257 -20.05 17.41 -10.64
CA SER A 257 -19.83 17.09 -9.24
C SER A 257 -19.11 18.18 -8.47
N LYS A 258 -18.57 19.20 -9.14
CA LYS A 258 -17.86 20.28 -8.47
C LYS A 258 -18.23 21.58 -9.16
N LYS A 259 -17.73 22.70 -8.63
CA LYS A 259 -17.93 24.00 -9.26
C LYS A 259 -16.59 24.52 -9.78
N CYS A 260 -16.62 25.09 -10.98
CA CYS A 260 -15.40 25.50 -11.69
C CYS A 260 -15.56 26.91 -12.23
N THR A 261 -14.42 27.51 -12.53
CA THR A 261 -14.37 28.74 -13.29
C THR A 261 -13.13 28.65 -14.19
N GLY A 262 -12.92 29.63 -15.04
CA GLY A 262 -11.78 29.60 -15.94
C GLY A 262 -11.73 30.78 -16.88
N ASP A 263 -10.93 30.64 -17.94
CA ASP A 263 -10.79 31.71 -18.92
C ASP A 263 -12.02 31.78 -19.83
N ALA A 264 -12.00 32.71 -20.79
CA ALA A 264 -13.19 32.94 -21.61
C ALA A 264 -13.50 31.74 -22.48
N ALA A 265 -12.48 31.07 -23.01
CA ALA A 265 -12.71 29.83 -23.77
C ALA A 265 -13.42 28.79 -22.91
N PHE A 266 -12.91 28.52 -21.72
CA PHE A 266 -13.56 27.56 -20.81
C PHE A 266 -15.02 27.91 -20.55
N CYS A 267 -15.28 29.17 -20.20
CA CYS A 267 -16.63 29.58 -19.85
C CYS A 267 -17.57 29.67 -21.06
N SER A 268 -17.05 29.59 -22.28
CA SER A 268 -17.92 29.47 -23.45
C SER A 268 -18.59 28.09 -23.52
N ALA A 269 -18.03 27.09 -22.84
CA ALA A 269 -18.51 25.72 -22.88
C ALA A 269 -18.92 25.17 -21.53
N TYR A 270 -18.28 25.59 -20.46
CA TYR A 270 -18.55 25.11 -19.12
C TYR A 270 -19.20 26.20 -18.29
N GLU A 271 -20.00 25.78 -17.31
CA GLU A 271 -20.67 26.70 -16.41
C GLU A 271 -19.64 27.27 -15.45
N CYS A 272 -19.48 28.60 -15.43
CA CYS A 272 -18.45 29.22 -14.60
C CYS A 272 -19.06 29.90 -13.38
N THR A 273 -18.58 29.54 -12.19
CA THR A 273 -19.23 29.96 -10.96
C THR A 273 -18.44 30.99 -10.17
N ALA A 274 -17.26 31.41 -10.64
CA ALA A 274 -16.50 32.49 -10.03
C ALA A 274 -16.21 32.29 -8.55
N GLN A 275 -17.02 32.93 -7.69
CA GLN A 275 -16.74 32.95 -6.25
C GLN A 275 -16.75 31.55 -5.64
N TYR A 276 -17.70 30.71 -6.05
CA TYR A 276 -17.90 29.41 -5.44
C TYR A 276 -17.00 28.32 -6.01
N ALA A 277 -16.07 28.67 -6.89
CA ALA A 277 -15.37 27.67 -7.69
C ALA A 277 -14.34 26.91 -6.87
N ASN A 278 -14.28 25.61 -7.09
CA ASN A 278 -13.24 24.75 -6.55
C ASN A 278 -11.98 24.70 -7.41
N ALA A 279 -12.03 25.22 -8.65
CA ALA A 279 -10.90 25.03 -9.54
C ALA A 279 -10.93 26.09 -10.62
N TYR A 280 -9.80 26.25 -11.31
CA TYR A 280 -9.67 27.19 -12.41
C TYR A 280 -9.15 26.44 -13.62
N CYS A 281 -9.80 26.62 -14.78
CA CYS A 281 -9.44 25.88 -15.99
C CYS A 281 -8.99 26.85 -17.06
N SER A 282 -7.85 26.54 -17.68
CA SER A 282 -7.20 27.34 -18.71
C SER A 282 -7.07 26.53 -19.99
N HIS A 283 -7.28 27.18 -21.12
CA HIS A 283 -7.04 26.52 -22.40
C HIS A 283 -5.54 26.25 -22.56
N ALA A 284 -5.20 25.02 -22.95
CA ALA A 284 -3.80 24.60 -23.02
C ALA A 284 -3.17 25.07 -24.32
N ASN A 285 -2.11 25.87 -24.23
CA ASN A 285 -1.51 26.46 -25.42
C ASN A 285 -1.01 25.36 -26.34
N GLY A 286 -1.46 25.40 -27.59
CA GLY A 286 -0.96 24.49 -28.60
C GLY A 286 -1.72 23.19 -28.71
N SER A 287 -2.71 22.97 -27.86
CA SER A 287 -3.51 21.75 -27.95
C SER A 287 -4.41 21.80 -29.18
N GLY A 288 -4.92 20.63 -29.57
CA GLY A 288 -5.81 20.58 -30.72
C GLY A 288 -5.66 19.36 -31.60
N ILE A 289 -6.53 19.21 -32.60
CA ILE A 289 -6.42 18.13 -33.58
C ILE A 289 -5.24 18.43 -34.50
N VAL A 290 -4.23 17.57 -34.51
CA VAL A 290 -3.08 17.73 -35.40
C VAL A 290 -3.28 16.88 -36.64
N GLN A 291 -3.02 17.45 -37.83
CA GLN A 291 -2.97 16.65 -39.04
C GLN A 291 -1.63 16.84 -39.73
N ILE A 292 -1.29 15.88 -40.59
CA ILE A 292 0.00 15.83 -41.27
C ILE A 292 -0.23 15.56 -42.75
N GLN A 293 0.55 16.23 -43.60
CA GLN A 293 0.43 16.01 -45.04
C GLN A 293 1.40 14.94 -45.47
N VAL A 294 0.86 13.86 -46.03
CA VAL A 294 1.62 12.69 -46.42
C VAL A 294 1.33 12.43 -47.88
N SER A 295 2.34 12.63 -48.73
CA SER A 295 2.23 12.41 -50.17
C SER A 295 0.98 13.10 -50.74
N GLY A 296 0.84 14.38 -50.41
CA GLY A 296 -0.20 15.22 -50.97
C GLY A 296 -1.52 15.21 -50.24
N VAL A 297 -1.73 14.28 -49.30
CA VAL A 297 -3.01 14.10 -48.63
C VAL A 297 -2.85 14.40 -47.15
N TRP A 298 -3.83 15.08 -46.55
CA TRP A 298 -3.82 15.33 -45.12
C TRP A 298 -4.49 14.18 -44.38
N LYS A 299 -3.81 13.67 -43.36
CA LYS A 299 -4.36 12.62 -42.52
C LYS A 299 -4.13 12.96 -41.06
N LYS A 300 -4.95 12.36 -40.20
CA LYS A 300 -4.82 12.53 -38.77
C LYS A 300 -4.03 11.37 -38.19
N PRO A 301 -2.77 11.56 -37.81
CA PRO A 301 -1.94 10.45 -37.33
C PRO A 301 -2.18 10.13 -35.86
N LEU A 302 -1.72 8.94 -35.48
CA LEU A 302 -1.66 8.61 -34.06
C LEU A 302 -0.42 9.23 -33.39
N CYS A 303 0.74 9.16 -34.01
CA CYS A 303 1.94 9.80 -33.46
C CYS A 303 2.77 10.41 -34.57
N VAL A 304 3.47 11.49 -34.24
CA VAL A 304 4.36 12.19 -35.16
C VAL A 304 5.68 12.40 -34.44
N GLY A 305 6.79 12.17 -35.14
CA GLY A 305 8.07 12.31 -34.47
C GLY A 305 9.23 12.44 -35.43
N TYR A 306 10.41 12.64 -34.85
CA TYR A 306 11.71 12.60 -35.52
C TYR A 306 12.54 11.45 -34.95
N GLU A 307 13.35 10.82 -35.80
CA GLU A 307 14.38 9.97 -35.23
C GLU A 307 15.57 9.97 -36.18
N ARG A 308 16.73 9.78 -35.60
CA ARG A 308 17.96 9.86 -36.36
C ARG A 308 18.30 8.43 -36.76
N VAL A 309 18.19 8.13 -38.06
CA VAL A 309 18.37 6.77 -38.54
C VAL A 309 19.31 6.77 -39.74
N VAL A 310 19.88 5.60 -40.02
CA VAL A 310 20.69 5.42 -41.21
C VAL A 310 19.81 5.58 -42.43
N VAL A 311 20.22 6.43 -43.37
CA VAL A 311 19.53 6.61 -44.64
C VAL A 311 20.56 6.36 -45.74
N LYS A 312 20.18 5.56 -46.74
CA LYS A 312 21.02 5.25 -47.89
C LYS A 312 20.38 5.84 -49.13
N ARG A 313 21.15 6.58 -49.91
CA ARG A 313 20.63 7.29 -51.07
C ARG A 313 21.44 6.99 -52.32
N GLU A 314 20.75 6.94 -53.45
CA GLU A 314 21.40 6.75 -54.74
C GLU A 314 22.34 7.92 -55.04
N LEU A 315 23.53 7.59 -55.53
CA LEU A 315 24.50 8.61 -55.91
C LEU A 315 24.43 8.92 -57.41
N LEU B 1 4.82 -13.79 -3.86
CA LEU B 1 5.52 -15.06 -4.09
C LEU B 1 6.99 -15.08 -3.57
N PRO B 2 7.83 -14.10 -3.95
CA PRO B 2 9.20 -14.07 -3.40
C PRO B 2 9.19 -13.94 -1.89
N VAL B 3 10.14 -14.59 -1.23
CA VAL B 3 10.20 -14.68 0.22
C VAL B 3 11.26 -13.70 0.73
N LEU B 4 10.86 -12.84 1.67
CA LEU B 4 11.76 -11.87 2.30
C LEU B 4 12.13 -12.42 3.67
N THR B 5 13.41 -12.80 3.86
CA THR B 5 13.79 -13.43 5.11
C THR B 5 14.31 -12.39 6.10
N GLN B 6 13.66 -12.31 7.27
CA GLN B 6 14.10 -11.52 8.40
C GLN B 6 14.45 -12.41 9.58
N PRO B 7 15.52 -12.12 10.32
CA PRO B 7 15.83 -12.89 11.53
C PRO B 7 14.69 -12.80 12.53
N PRO B 8 14.28 -13.92 13.12
CA PRO B 8 13.09 -13.89 13.98
C PRO B 8 13.21 -12.96 15.18
N SER B 9 14.42 -12.69 15.68
CA SER B 9 14.54 -11.84 16.85
C SER B 9 15.84 -11.06 16.81
N SER B 10 15.87 -9.97 17.57
CA SER B 10 17.05 -9.14 17.70
C SER B 10 16.94 -8.44 19.05
N SER B 11 18.07 -7.94 19.54
CA SER B 11 18.08 -7.28 20.83
C SER B 11 19.29 -6.37 20.93
N ALA B 12 19.15 -5.31 21.72
CA ALA B 12 20.22 -4.35 21.95
C ALA B 12 19.86 -3.55 23.19
N SER B 13 20.78 -2.69 23.62
CA SER B 13 20.63 -1.94 24.85
C SER B 13 20.28 -0.48 24.56
N PRO B 14 19.70 0.22 25.54
CA PRO B 14 19.42 1.65 25.34
C PRO B 14 20.66 2.42 24.89
N GLY B 15 20.44 3.33 23.94
CA GLY B 15 21.51 4.15 23.41
C GLY B 15 22.38 3.49 22.36
N GLU B 16 22.36 2.16 22.28
CA GLU B 16 23.05 1.46 21.20
C GLU B 16 22.22 1.62 19.93
N SER B 17 22.65 0.95 18.87
CA SER B 17 21.90 0.96 17.63
C SER B 17 21.57 -0.47 17.23
N ALA B 18 20.33 -0.67 16.81
CA ALA B 18 19.87 -1.96 16.33
C ALA B 18 19.89 -1.96 14.81
N ARG B 19 20.42 -3.02 14.23
CA ARG B 19 20.49 -3.15 12.77
C ARG B 19 19.69 -4.38 12.40
N LEU B 20 18.60 -4.17 11.66
CA LEU B 20 17.65 -5.22 11.30
C LEU B 20 17.74 -5.44 9.80
N THR B 21 17.78 -6.71 9.38
CA THR B 21 18.03 -7.04 7.99
C THR B 21 16.82 -7.71 7.36
N CYS B 22 16.70 -7.51 6.06
CA CYS B 22 15.64 -8.04 5.23
C CYS B 22 16.32 -8.54 3.95
N THR B 23 16.49 -9.85 3.81
CA THR B 23 17.26 -10.43 2.71
C THR B 23 16.32 -10.91 1.61
N LEU B 24 16.51 -10.38 0.40
CA LEU B 24 15.74 -10.79 -0.75
C LEU B 24 16.33 -12.06 -1.38
N PRO B 25 15.49 -12.92 -1.97
CA PRO B 25 16.02 -14.13 -2.62
C PRO B 25 16.90 -13.77 -3.81
N SER B 26 17.70 -14.75 -4.25
CA SER B 26 18.81 -14.48 -5.16
C SER B 26 18.35 -14.09 -6.55
N ASP B 27 17.09 -14.34 -6.90
CA ASP B 27 16.62 -14.08 -8.26
C ASP B 27 16.09 -12.67 -8.49
N ILE B 28 15.78 -11.92 -7.43
CA ILE B 28 15.50 -10.49 -7.55
C ILE B 28 16.61 -9.73 -6.83
N ASN B 29 16.67 -8.43 -7.09
CA ASN B 29 17.76 -7.61 -6.57
C ASN B 29 17.23 -6.45 -5.76
N VAL B 30 17.82 -6.26 -4.59
CA VAL B 30 17.40 -5.20 -3.67
C VAL B 30 17.50 -3.82 -4.32
N GLY B 31 18.44 -3.62 -5.25
CA GLY B 31 18.56 -2.33 -5.92
C GLY B 31 17.32 -1.90 -6.69
N SER B 32 16.48 -2.86 -7.08
CA SER B 32 15.32 -2.56 -7.92
C SER B 32 14.13 -1.97 -7.17
N TYR B 33 14.02 -2.15 -5.85
CA TYR B 33 12.77 -1.88 -5.12
C TYR B 33 12.91 -0.77 -4.09
N ASN B 34 11.81 0.00 -3.93
CA ASN B 34 11.55 0.72 -2.69
C ASN B 34 11.43 -0.29 -1.55
N ILE B 35 12.17 -0.08 -0.46
CA ILE B 35 12.02 -0.91 0.73
C ILE B 35 11.20 -0.12 1.74
N TYR B 36 10.09 -0.71 2.19
CA TYR B 36 9.22 -0.11 3.20
C TYR B 36 9.40 -0.86 4.52
N TRP B 37 9.43 -0.12 5.64
CA TRP B 37 9.51 -0.72 6.96
C TRP B 37 8.28 -0.36 7.79
N TYR B 38 7.75 -1.37 8.51
CA TYR B 38 6.59 -1.22 9.38
C TYR B 38 6.92 -1.66 10.80
N GLN B 39 6.39 -0.93 11.78
CA GLN B 39 6.55 -1.27 13.18
C GLN B 39 5.21 -1.69 13.76
N GLN B 40 5.19 -2.72 14.59
CA GLN B 40 3.94 -3.13 15.24
C GLN B 40 4.17 -3.31 16.73
N LYS B 41 3.51 -2.52 17.52
CA LYS B 41 3.51 -2.70 18.95
C LYS B 41 2.26 -3.46 19.38
N PRO B 42 2.25 -4.07 20.57
CA PRO B 42 1.09 -4.89 20.96
C PRO B 42 -0.19 -4.07 21.03
N GLY B 43 -1.26 -4.63 20.47
CA GLY B 43 -2.56 -3.98 20.49
C GLY B 43 -2.83 -2.98 19.40
N SER B 44 -1.91 -2.78 18.46
CA SER B 44 -2.07 -1.81 17.39
C SER B 44 -1.78 -2.47 16.06
N PRO B 45 -2.34 -1.94 14.97
CA PRO B 45 -1.92 -2.38 13.64
C PRO B 45 -0.46 -2.01 13.40
N PRO B 46 0.20 -2.58 12.40
CA PRO B 46 1.53 -2.07 12.02
C PRO B 46 1.44 -0.62 11.61
N ARG B 47 2.56 0.09 11.70
CA ARG B 47 2.62 1.49 11.34
C ARG B 47 3.80 1.72 10.41
N TYR B 48 3.55 2.44 9.33
CA TYR B 48 4.58 2.79 8.34
C TYR B 48 5.68 3.64 8.98
N LEU B 49 6.93 3.19 8.91
CA LEU B 49 8.03 3.99 9.47
C LEU B 49 8.71 4.87 8.42
N LEU B 50 9.05 4.29 7.28
CA LEU B 50 9.87 4.98 6.29
C LEU B 50 9.98 4.09 5.06
N TYR B 51 10.39 4.69 3.95
CA TYR B 51 10.78 3.91 2.77
C TYR B 51 12.18 4.35 2.35
N TYR B 52 12.89 3.46 1.66
CA TYR B 52 14.23 3.77 1.19
C TYR B 52 14.43 3.11 -0.16
N TYR B 53 14.78 3.91 -1.17
CA TYR B 53 15.24 3.39 -2.46
C TYR B 53 16.72 3.62 -2.68
N SER B 54 17.19 4.84 -2.42
CA SER B 54 18.57 5.27 -2.59
C SER B 54 18.77 6.47 -1.70
N ASP B 55 20.03 6.92 -1.57
CA ASP B 55 20.32 8.05 -0.69
C ASP B 55 19.57 9.31 -1.10
N SER B 56 19.19 9.41 -2.38
CA SER B 56 18.50 10.58 -2.91
C SER B 56 17.02 10.32 -3.14
N ASP B 57 16.52 9.17 -2.71
CA ASP B 57 15.13 8.78 -2.96
C ASP B 57 14.70 7.91 -1.77
N LYS B 58 14.14 8.51 -0.77
CA LYS B 58 13.88 7.91 0.53
C LYS B 58 12.95 8.85 1.29
N GLY B 59 12.23 8.46 2.27
CA GLY B 59 11.32 9.32 2.99
C GLY B 59 11.01 8.75 4.36
N GLN B 60 10.75 9.65 5.30
CA GLN B 60 10.43 9.29 6.66
C GLN B 60 8.91 9.36 6.86
N GLY B 61 8.36 8.39 7.60
CA GLY B 61 6.96 8.46 7.97
C GLY B 61 6.68 9.66 8.86
N SER B 62 5.50 10.24 8.66
CA SER B 62 5.08 11.38 9.48
C SER B 62 5.10 11.01 10.95
N GLY B 63 5.76 11.84 11.77
CA GLY B 63 5.87 11.53 13.19
C GLY B 63 6.87 10.45 13.56
N VAL B 64 7.64 9.91 12.61
CA VAL B 64 8.58 8.83 12.88
C VAL B 64 9.94 9.48 13.17
N PRO B 65 10.52 9.27 14.36
CA PRO B 65 11.78 9.95 14.68
C PRO B 65 12.90 9.60 13.72
N SER B 66 13.77 10.59 13.49
CA SER B 66 14.89 10.46 12.56
C SER B 66 15.83 9.33 12.93
N ARG B 67 15.80 8.85 14.16
CA ARG B 67 16.73 7.79 14.54
C ARG B 67 16.44 6.48 13.84
N PHE B 68 15.28 6.34 13.19
CA PHE B 68 15.03 5.23 12.26
C PHE B 68 15.48 5.66 10.87
N SER B 69 16.37 4.88 10.26
CA SER B 69 16.77 5.13 8.87
C SER B 69 16.96 3.81 8.12
N GLY B 70 16.81 3.87 6.81
CA GLY B 70 16.95 2.70 5.97
C GLY B 70 18.18 2.80 5.10
N SER B 71 18.62 1.66 4.56
CA SER B 71 19.72 1.60 3.60
C SER B 71 19.64 0.25 2.89
N LYS B 72 20.60 -0.01 2.01
CA LYS B 72 20.68 -1.27 1.28
C LYS B 72 22.13 -1.77 1.27
N ASP B 73 22.28 -3.09 1.22
CA ASP B 73 23.57 -3.75 1.04
C ASP B 73 23.49 -4.58 -0.23
N ALA B 74 24.02 -4.05 -1.32
CA ALA B 74 23.92 -4.72 -2.63
C ALA B 74 24.55 -6.12 -2.60
N SER B 75 25.72 -6.26 -1.95
CA SER B 75 26.41 -7.55 -2.01
C SER B 75 25.63 -8.64 -1.28
N ALA B 76 24.96 -8.30 -0.17
CA ALA B 76 24.19 -9.30 0.54
C ALA B 76 22.73 -9.35 0.09
N ASN B 77 22.32 -8.46 -0.82
CA ASN B 77 20.95 -8.42 -1.31
C ASN B 77 19.95 -8.16 -0.18
N THR B 78 20.31 -7.26 0.74
CA THR B 78 19.49 -7.01 1.91
C THR B 78 19.04 -5.56 1.99
N GLY B 79 17.83 -5.35 2.49
CA GLY B 79 17.43 -4.06 3.01
C GLY B 79 17.68 -4.01 4.51
N ILE B 80 18.00 -2.81 5.00
CA ILE B 80 18.48 -2.66 6.37
C ILE B 80 17.66 -1.55 7.04
N LEU B 81 17.22 -1.81 8.27
CA LEU B 81 16.64 -0.76 9.12
C LEU B 81 17.60 -0.54 10.26
N LEU B 82 18.07 0.69 10.41
CA LEU B 82 18.98 1.08 11.47
C LEU B 82 18.23 1.97 12.46
N ILE B 83 18.20 1.55 13.72
CA ILE B 83 17.60 2.30 14.82
C ILE B 83 18.74 2.77 15.72
N SER B 84 19.09 4.05 15.65
CA SER B 84 20.14 4.62 16.48
C SER B 84 19.54 5.23 17.74
N GLY B 85 20.39 5.41 18.75
CA GLY B 85 19.95 5.96 20.02
C GLY B 85 18.75 5.23 20.56
N LEU B 86 18.86 3.89 20.62
CA LEU B 86 17.73 3.02 20.89
C LEU B 86 17.03 3.40 22.19
N GLN B 87 15.71 3.50 22.13
CA GLN B 87 14.91 3.85 23.28
C GLN B 87 14.02 2.67 23.67
N SER B 88 13.56 2.72 24.93
CA SER B 88 12.71 1.67 25.45
C SER B 88 11.43 1.55 24.64
N GLU B 89 10.90 2.67 24.18
CA GLU B 89 9.65 2.64 23.42
C GLU B 89 9.78 1.94 22.07
N ASP B 90 11.00 1.59 21.65
CA ASP B 90 11.21 0.97 20.34
C ASP B 90 11.08 -0.53 20.35
N GLU B 91 10.93 -1.15 21.53
CA GLU B 91 10.64 -2.57 21.59
C GLU B 91 9.35 -2.86 20.82
N ALA B 92 9.45 -3.71 19.81
CA ALA B 92 8.37 -3.86 18.83
C ALA B 92 8.73 -5.00 17.89
N ASP B 93 7.79 -5.34 17.01
CA ASP B 93 8.06 -6.17 15.84
C ASP B 93 8.21 -5.25 14.64
N TYR B 94 9.15 -5.60 13.76
CA TYR B 94 9.46 -4.80 12.59
C TYR B 94 9.36 -5.69 11.35
N TYR B 95 8.59 -5.23 10.36
CA TYR B 95 8.40 -5.95 9.12
C TYR B 95 8.94 -5.12 7.97
N CYS B 96 9.67 -5.76 7.07
CA CYS B 96 10.01 -5.12 5.81
C CYS B 96 9.00 -5.55 4.76
N MET B 97 8.89 -4.75 3.70
CA MET B 97 7.88 -4.92 2.68
C MET B 97 8.45 -4.40 1.36
N ILE B 98 8.14 -5.09 0.28
CA ILE B 98 8.41 -4.55 -1.05
C ILE B 98 7.13 -4.68 -1.84
N TRP B 99 7.08 -3.95 -2.94
CA TRP B 99 5.88 -3.81 -3.74
C TRP B 99 6.30 -4.04 -5.18
N PRO B 100 6.52 -5.30 -5.57
CA PRO B 100 6.69 -5.60 -6.99
C PRO B 100 5.38 -5.33 -7.70
N SER B 101 5.45 -5.29 -9.02
CA SER B 101 4.23 -5.06 -9.80
C SER B 101 3.16 -6.06 -9.37
N ASN B 102 2.01 -5.52 -8.93
CA ASN B 102 0.79 -6.27 -8.65
C ASN B 102 0.85 -7.11 -7.38
N ALA B 103 1.75 -6.83 -6.45
CA ALA B 103 1.78 -7.63 -5.23
C ALA B 103 2.37 -6.82 -4.09
N TRP B 104 1.96 -7.16 -2.86
CA TRP B 104 2.63 -6.74 -1.63
C TRP B 104 3.30 -7.95 -1.01
N VAL B 105 4.58 -7.83 -0.68
CA VAL B 105 5.35 -8.91 -0.08
C VAL B 105 5.88 -8.42 1.25
N PHE B 106 5.49 -9.08 2.34
CA PHE B 106 5.94 -8.78 3.69
C PHE B 106 6.99 -9.80 4.14
N GLY B 107 8.03 -9.30 4.79
CA GLY B 107 8.94 -10.19 5.48
C GLY B 107 8.27 -10.86 6.68
N GLY B 108 8.98 -11.83 7.23
CA GLY B 108 8.45 -12.58 8.35
C GLY B 108 8.41 -11.80 9.65
N GLY B 109 9.12 -10.65 9.71
CA GLY B 109 9.12 -9.86 10.92
C GLY B 109 10.25 -10.22 11.86
N THR B 110 10.79 -9.21 12.55
CA THR B 110 11.83 -9.39 13.55
C THR B 110 11.34 -8.83 14.87
N LYS B 111 11.38 -9.66 15.92
CA LYS B 111 11.03 -9.26 17.28
C LYS B 111 12.26 -8.60 17.92
N LEU B 112 12.15 -7.32 18.22
CA LEU B 112 13.27 -6.57 18.79
C LEU B 112 13.04 -6.40 20.29
N THR B 113 13.96 -6.90 21.10
CA THR B 113 13.91 -6.71 22.54
C THR B 113 14.92 -5.62 22.93
N VAL B 114 14.48 -4.68 23.77
CA VAL B 114 15.38 -3.67 24.34
C VAL B 114 15.84 -4.18 25.70
N LEU B 115 17.15 -4.36 25.85
CA LEU B 115 17.71 -5.00 27.03
C LEU B 115 17.77 -4.01 28.20
N GLY B 116 18.00 -4.56 29.39
CA GLY B 116 18.30 -3.76 30.55
C GLY B 116 17.12 -3.05 31.19
N GLN B 117 15.89 -3.38 30.82
CA GLN B 117 14.74 -2.71 31.41
C GLN B 117 14.62 -3.09 32.88
N PRO B 118 14.08 -2.19 33.71
CA PRO B 118 14.07 -2.45 35.16
C PRO B 118 12.95 -3.39 35.56
N LYS B 119 13.21 -4.12 36.65
CA LYS B 119 12.20 -5.02 37.18
C LYS B 119 11.05 -4.21 37.76
N ALA B 120 9.82 -4.61 37.46
CA ALA B 120 8.63 -3.94 37.97
C ALA B 120 7.73 -4.98 38.63
N ALA B 121 7.53 -4.84 39.95
CA ALA B 121 6.68 -5.77 40.66
C ALA B 121 5.23 -5.59 40.20
N PRO B 122 4.44 -6.65 40.23
CA PRO B 122 3.07 -6.57 39.72
C PRO B 122 2.12 -5.92 40.71
N SER B 123 1.15 -5.18 40.16
CA SER B 123 -0.02 -4.78 40.93
C SER B 123 -1.05 -5.90 40.90
N VAL B 124 -1.66 -6.14 42.04
CA VAL B 124 -2.58 -7.27 42.22
C VAL B 124 -3.85 -6.73 42.84
N THR B 125 -4.99 -6.96 42.19
CA THR B 125 -6.28 -6.71 42.81
C THR B 125 -7.13 -7.98 42.71
N LEU B 126 -7.73 -8.36 43.83
CA LEU B 126 -8.51 -9.59 43.96
C LEU B 126 -9.96 -9.24 44.28
N PHE B 127 -10.91 -9.75 43.48
CA PHE B 127 -12.32 -9.50 43.69
C PHE B 127 -13.01 -10.77 44.18
N PRO B 128 -13.93 -10.64 45.14
CA PRO B 128 -14.70 -11.81 45.57
C PRO B 128 -15.83 -12.07 44.58
N PRO B 129 -16.56 -13.17 44.74
CA PRO B 129 -17.73 -13.38 43.87
C PRO B 129 -18.81 -12.34 44.15
N SER B 130 -19.50 -11.92 43.11
CA SER B 130 -20.59 -10.98 43.26
C SER B 130 -21.81 -11.71 43.80
N SER B 131 -22.67 -10.99 44.50
CA SER B 131 -23.86 -11.65 45.04
C SER B 131 -24.75 -12.18 43.93
N GLU B 132 -24.72 -11.52 42.76
CA GLU B 132 -25.54 -11.99 41.65
C GLU B 132 -25.02 -13.31 41.09
N GLU B 133 -23.69 -13.46 40.97
CA GLU B 133 -23.18 -14.75 40.52
C GLU B 133 -23.55 -15.85 41.49
N LEU B 134 -23.47 -15.57 42.79
CA LEU B 134 -23.85 -16.57 43.77
C LEU B 134 -25.33 -16.94 43.63
N GLN B 135 -26.20 -15.94 43.45
CA GLN B 135 -27.61 -16.22 43.21
C GLN B 135 -27.81 -17.16 42.03
N ALA B 136 -26.93 -17.09 41.03
CA ALA B 136 -26.92 -18.04 39.92
C ALA B 136 -26.17 -19.33 40.25
N ASN B 137 -25.90 -19.60 41.53
CA ASN B 137 -25.32 -20.88 41.98
C ASN B 137 -23.87 -21.08 41.54
N LYS B 138 -23.12 -19.99 41.34
CA LYS B 138 -21.72 -20.11 40.95
C LYS B 138 -20.90 -19.14 41.79
N ALA B 139 -19.58 -19.33 41.77
CA ALA B 139 -18.65 -18.45 42.47
C ALA B 139 -17.33 -18.43 41.75
N THR B 140 -16.85 -17.23 41.40
CA THR B 140 -15.58 -17.01 40.73
C THR B 140 -14.79 -15.97 41.49
N LEU B 141 -13.56 -16.32 41.91
CA LEU B 141 -12.61 -15.34 42.44
C LEU B 141 -11.72 -14.85 41.30
N VAL B 142 -11.53 -13.53 41.21
CA VAL B 142 -10.90 -12.87 40.07
C VAL B 142 -9.64 -12.15 40.54
N CYS B 143 -8.47 -12.63 40.11
CA CYS B 143 -7.18 -12.08 40.56
C CYS B 143 -6.47 -11.46 39.38
N LEU B 144 -6.36 -10.14 39.37
CA LEU B 144 -5.84 -9.44 38.20
C LEU B 144 -4.45 -8.89 38.49
N ILE B 145 -3.53 -9.14 37.56
CA ILE B 145 -2.10 -8.91 37.75
C ILE B 145 -1.61 -8.03 36.59
N SER B 146 -1.06 -6.86 36.92
CA SER B 146 -0.77 -5.89 35.88
C SER B 146 0.58 -5.21 36.07
N ASP B 147 1.16 -4.81 34.94
CA ASP B 147 2.27 -3.86 34.89
C ASP B 147 3.52 -4.39 35.58
N PHE B 148 3.85 -5.65 35.27
CA PHE B 148 5.06 -6.28 35.77
C PHE B 148 6.03 -6.55 34.62
N TYR B 149 7.29 -6.72 35.00
CA TYR B 149 8.40 -6.96 34.08
C TYR B 149 9.56 -7.57 34.86
N PRO B 150 10.21 -8.63 34.34
CA PRO B 150 9.91 -9.33 33.08
C PRO B 150 8.60 -10.12 33.11
N GLY B 151 8.15 -10.58 31.94
CA GLY B 151 6.83 -11.18 31.84
C GLY B 151 6.68 -12.63 32.28
N ALA B 152 7.04 -12.93 33.52
CA ALA B 152 6.83 -14.27 34.08
C ALA B 152 6.36 -14.15 35.51
N VAL B 153 5.25 -14.80 35.82
CA VAL B 153 4.73 -14.90 37.18
C VAL B 153 4.22 -16.31 37.43
N THR B 154 4.11 -16.65 38.70
CA THR B 154 3.46 -17.88 39.16
C THR B 154 2.40 -17.51 40.17
N VAL B 155 1.24 -18.15 40.06
CA VAL B 155 0.10 -17.86 40.92
C VAL B 155 -0.23 -19.10 41.74
N ALA B 156 -0.46 -18.89 43.03
CA ALA B 156 -0.94 -19.92 43.93
C ALA B 156 -2.16 -19.39 44.66
N TRP B 157 -3.15 -20.25 44.84
CA TRP B 157 -4.39 -19.91 45.54
C TRP B 157 -4.45 -20.67 46.85
N LYS B 158 -4.95 -19.99 47.90
CA LYS B 158 -5.13 -20.59 49.20
C LYS B 158 -6.60 -20.45 49.64
N ALA B 159 -7.12 -21.52 50.22
CA ALA B 159 -8.33 -21.49 51.03
C ALA B 159 -7.89 -21.52 52.48
N ASP B 160 -8.21 -20.47 53.23
CA ASP B 160 -7.59 -20.24 54.53
C ASP B 160 -6.08 -20.26 54.34
N SER B 161 -5.42 -21.32 54.81
CA SER B 161 -4.01 -21.51 54.58
C SER B 161 -3.69 -22.67 53.65
N SER B 162 -4.70 -23.44 53.24
CA SER B 162 -4.46 -24.65 52.45
C SER B 162 -4.43 -24.32 50.96
N PRO B 163 -3.50 -24.91 50.20
CA PRO B 163 -3.45 -24.65 48.77
C PRO B 163 -4.64 -25.27 48.07
N VAL B 164 -5.08 -24.59 46.99
CA VAL B 164 -6.18 -25.05 46.16
C VAL B 164 -5.67 -25.13 44.72
N LYS B 165 -5.72 -26.32 44.14
CA LYS B 165 -5.30 -26.47 42.75
C LYS B 165 -6.46 -26.68 41.78
N ALA B 166 -7.50 -27.42 42.20
CA ALA B 166 -8.64 -27.65 41.33
C ALA B 166 -9.37 -26.33 41.07
N GLY B 167 -9.74 -26.10 39.82
CA GLY B 167 -10.57 -24.97 39.46
C GLY B 167 -9.84 -23.69 39.15
N VAL B 168 -8.51 -23.73 39.03
CA VAL B 168 -7.68 -22.55 38.78
C VAL B 168 -7.43 -22.44 37.29
N GLU B 169 -7.60 -21.24 36.74
CA GLU B 169 -7.36 -20.96 35.33
C GLU B 169 -6.57 -19.66 35.25
N THR B 170 -5.38 -19.72 34.67
CA THR B 170 -4.42 -18.62 34.69
C THR B 170 -3.93 -18.38 33.28
N THR B 171 -3.99 -17.12 32.82
CA THR B 171 -3.51 -16.83 31.48
C THR B 171 -1.98 -16.81 31.45
N THR B 172 -1.45 -16.85 30.24
CA THR B 172 -0.04 -16.55 30.10
C THR B 172 0.15 -15.02 30.05
N PRO B 173 1.31 -14.53 30.47
CA PRO B 173 1.53 -13.07 30.50
C PRO B 173 1.40 -12.44 29.12
N SER B 174 0.74 -11.29 29.07
CA SER B 174 0.47 -10.59 27.82
C SER B 174 1.18 -9.24 27.85
N LYS B 175 2.08 -9.03 26.89
CA LYS B 175 2.82 -7.77 26.81
C LYS B 175 1.91 -6.64 26.38
N GLN B 176 2.05 -5.50 27.05
CA GLN B 176 1.25 -4.34 26.70
C GLN B 176 2.07 -3.37 25.86
N SER B 177 1.44 -2.28 25.43
CA SER B 177 2.14 -1.26 24.66
C SER B 177 3.25 -0.60 25.46
N ASN B 178 3.17 -0.61 26.79
CA ASN B 178 4.19 0.01 27.63
C ASN B 178 5.35 -0.92 27.96
N ASN B 179 5.48 -2.06 27.28
CA ASN B 179 6.53 -3.06 27.42
C ASN B 179 6.34 -3.94 28.66
N LYS B 180 5.44 -3.58 29.58
CA LYS B 180 5.15 -4.42 30.74
C LYS B 180 4.09 -5.45 30.39
N TYR B 181 3.71 -6.26 31.37
CA TYR B 181 2.87 -7.44 31.13
C TYR B 181 1.66 -7.46 32.06
N ALA B 182 0.63 -8.18 31.61
CA ALA B 182 -0.60 -8.34 32.35
C ALA B 182 -1.03 -9.80 32.35
N ALA B 183 -1.66 -10.22 33.43
CA ALA B 183 -2.11 -11.59 33.55
C ALA B 183 -3.31 -11.62 34.49
N SER B 184 -3.97 -12.77 34.53
CA SER B 184 -5.12 -12.90 35.42
C SER B 184 -5.31 -14.36 35.75
N SER B 185 -5.90 -14.62 36.91
CA SER B 185 -6.15 -15.95 37.42
C SER B 185 -7.57 -16.04 37.95
N TYR B 186 -8.30 -17.09 37.56
CA TYR B 186 -9.68 -17.29 37.97
C TYR B 186 -9.77 -18.57 38.79
N LEU B 187 -10.32 -18.48 40.00
CA LEU B 187 -10.58 -19.65 40.83
C LEU B 187 -12.08 -19.85 40.90
N SER B 188 -12.55 -20.99 40.38
CA SER B 188 -13.97 -21.32 40.41
C SER B 188 -14.26 -22.13 41.66
N LEU B 189 -15.19 -21.66 42.47
CA LEU B 189 -15.63 -22.34 43.68
C LEU B 189 -17.14 -22.57 43.65
N THR B 190 -17.59 -23.50 44.48
CA THR B 190 -19.00 -23.57 44.80
C THR B 190 -19.36 -22.40 45.70
N PRO B 191 -20.58 -21.90 45.63
CA PRO B 191 -21.03 -20.90 46.61
C PRO B 191 -20.78 -21.36 48.04
N GLU B 192 -20.99 -22.64 48.32
CA GLU B 192 -20.83 -23.11 49.69
C GLU B 192 -19.37 -23.26 50.11
N GLN B 193 -18.45 -23.53 49.18
CA GLN B 193 -17.03 -23.50 49.51
C GLN B 193 -16.59 -22.08 49.86
N TRP B 194 -17.06 -21.09 49.11
CA TRP B 194 -16.73 -19.70 49.39
C TRP B 194 -17.19 -19.30 50.78
N LYS B 195 -18.41 -19.68 51.15
CA LYS B 195 -18.97 -19.22 52.42
C LYS B 195 -18.41 -19.99 53.61
N SER B 196 -17.99 -21.24 53.42
CA SER B 196 -17.57 -22.10 54.52
C SER B 196 -16.12 -21.88 54.95
N HIS B 197 -15.38 -20.99 54.31
CA HIS B 197 -13.97 -20.76 54.64
C HIS B 197 -13.81 -19.36 55.22
N ARG B 198 -12.80 -19.21 56.09
CA ARG B 198 -12.47 -17.90 56.63
C ARG B 198 -12.15 -16.90 55.52
N SER B 199 -11.29 -17.30 54.59
CA SER B 199 -10.85 -16.38 53.54
C SER B 199 -10.16 -17.18 52.44
N TYR B 200 -10.01 -16.53 51.29
CA TYR B 200 -9.23 -17.05 50.17
C TYR B 200 -8.17 -16.03 49.80
N SER B 201 -7.05 -16.52 49.28
CA SER B 201 -5.94 -15.66 48.94
C SER B 201 -5.44 -15.96 47.54
N CYS B 202 -5.08 -14.90 46.83
CA CYS B 202 -4.30 -14.98 45.62
C CYS B 202 -2.90 -14.49 45.96
N GLN B 203 -1.89 -15.29 45.66
CA GLN B 203 -0.50 -14.90 45.87
C GLN B 203 0.26 -15.05 44.56
N VAL B 204 0.89 -13.95 44.15
CA VAL B 204 1.59 -13.88 42.88
C VAL B 204 3.06 -13.73 43.20
N THR B 205 3.88 -14.64 42.66
CA THR B 205 5.32 -14.58 42.83
C THR B 205 5.95 -14.11 41.52
N HIS B 206 6.82 -13.12 41.62
CA HIS B 206 7.45 -12.47 40.49
C HIS B 206 8.88 -12.17 40.90
N GLU B 207 9.84 -12.81 40.22
CA GLU B 207 11.26 -12.60 40.50
C GLU B 207 11.55 -12.75 41.99
N GLY B 208 11.13 -13.89 42.55
CA GLY B 208 11.43 -14.25 43.93
C GLY B 208 10.54 -13.63 44.98
N SER B 209 9.86 -12.52 44.69
CA SER B 209 9.03 -11.86 45.69
C SER B 209 7.56 -12.21 45.46
N THR B 210 6.79 -12.16 46.53
CA THR B 210 5.41 -12.61 46.52
C THR B 210 4.49 -11.50 47.01
N VAL B 211 3.46 -11.22 46.23
CA VAL B 211 2.41 -10.28 46.59
C VAL B 211 1.15 -11.09 46.87
N GLU B 212 0.66 -11.02 48.09
CA GLU B 212 -0.56 -11.72 48.45
C GLU B 212 -1.69 -10.72 48.54
N LYS B 213 -2.88 -11.12 48.10
CA LYS B 213 -4.11 -10.39 48.34
C LYS B 213 -5.12 -11.37 48.90
N THR B 214 -6.01 -10.89 49.76
CA THR B 214 -6.95 -11.77 50.44
C THR B 214 -8.34 -11.16 50.46
N VAL B 215 -9.35 -12.02 50.39
CA VAL B 215 -10.75 -11.63 50.43
C VAL B 215 -11.47 -12.60 51.35
N ALA B 216 -12.62 -12.16 51.85
CA ALA B 216 -13.40 -12.96 52.78
C ALA B 216 -14.87 -12.71 52.54
N PRO B 217 -15.75 -13.68 52.84
CA PRO B 217 -17.19 -13.44 52.72
C PRO B 217 -17.69 -12.47 53.78
N THR B 218 -17.92 -11.22 53.38
CA THR B 218 -18.33 -10.18 54.31
C THR B 218 -19.34 -9.24 53.66
N GLN C 1 -8.21 11.52 9.33
CA GLN C 1 -8.42 11.80 7.91
C GLN C 1 -9.30 10.71 7.29
N VAL C 2 -8.67 9.71 6.69
CA VAL C 2 -9.37 8.52 6.20
C VAL C 2 -9.52 7.54 7.36
N GLN C 3 -10.69 6.90 7.46
CA GLN C 3 -10.90 5.85 8.45
C GLN C 3 -11.47 4.64 7.74
N LEU C 4 -11.07 3.47 8.21
CA LEU C 4 -11.48 2.18 7.68
C LEU C 4 -12.10 1.35 8.80
N GLN C 5 -13.16 0.61 8.47
CA GLN C 5 -13.88 -0.16 9.49
C GLN C 5 -14.31 -1.51 8.92
N GLU C 6 -13.78 -2.59 9.50
CA GLU C 6 -14.13 -3.94 9.06
C GLU C 6 -15.45 -4.38 9.70
N SER C 7 -16.21 -5.19 8.97
CA SER C 7 -17.40 -5.81 9.53
C SER C 7 -17.51 -7.24 9.03
N GLY C 8 -17.94 -8.13 9.93
CA GLY C 8 -18.00 -9.54 9.61
C GLY C 8 -18.38 -10.39 10.79
N PRO C 9 -18.40 -11.71 10.59
CA PRO C 9 -19.15 -12.59 11.50
C PRO C 9 -18.43 -13.01 12.76
N GLY C 10 -17.10 -13.00 12.78
CA GLY C 10 -16.39 -13.45 13.96
C GLY C 10 -16.28 -14.95 14.08
N LEU C 11 -17.27 -15.69 13.56
CA LEU C 11 -17.29 -17.15 13.58
C LEU C 11 -17.79 -17.66 12.23
N VAL C 12 -17.05 -18.58 11.61
CA VAL C 12 -17.50 -19.29 10.40
C VAL C 12 -17.14 -20.77 10.52
N LYS C 13 -18.03 -21.65 9.90
CA LYS C 13 -17.84 -23.09 10.05
C LYS C 13 -16.85 -23.60 9.00
N PRO C 14 -16.11 -24.67 9.33
CA PRO C 14 -15.10 -25.17 8.39
C PRO C 14 -15.72 -25.55 7.06
N SER C 15 -15.00 -25.24 5.98
CA SER C 15 -15.35 -25.45 4.57
C SER C 15 -16.36 -24.40 4.06
N GLN C 16 -16.90 -23.57 4.95
CA GLN C 16 -17.79 -22.51 4.53
C GLN C 16 -17.00 -21.32 3.95
N THR C 17 -17.71 -20.25 3.58
CA THR C 17 -17.10 -19.06 3.00
C THR C 17 -17.09 -17.93 4.01
N LEU C 18 -15.91 -17.36 4.25
CA LEU C 18 -15.83 -16.17 5.09
C LEU C 18 -16.14 -14.94 4.24
N SER C 19 -17.01 -14.06 4.77
CA SER C 19 -17.33 -12.81 4.10
C SER C 19 -17.09 -11.64 5.03
N LEU C 20 -16.38 -10.62 4.55
CA LEU C 20 -16.08 -9.43 5.33
C LEU C 20 -16.26 -8.19 4.46
N THR C 21 -16.54 -7.07 5.11
CA THR C 21 -16.73 -5.81 4.43
C THR C 21 -15.88 -4.75 5.14
N CYS C 22 -15.31 -3.85 4.34
CA CYS C 22 -14.58 -2.68 4.81
C CYS C 22 -15.36 -1.43 4.39
N THR C 23 -15.70 -0.59 5.35
CA THR C 23 -16.34 0.68 5.04
C THR C 23 -15.33 1.79 5.19
N VAL C 24 -15.24 2.65 4.16
CA VAL C 24 -14.26 3.73 4.13
C VAL C 24 -15.00 5.04 4.33
N SER C 25 -14.53 5.86 5.27
CA SER C 25 -14.99 7.23 5.40
C SER C 25 -13.81 8.19 5.34
N GLY C 26 -14.08 9.42 4.88
CA GLY C 26 -13.07 10.46 4.78
C GLY C 26 -12.32 10.49 3.47
N GLY C 27 -12.68 9.64 2.53
CA GLY C 27 -12.02 9.59 1.24
C GLY C 27 -12.76 8.57 0.40
N SER C 28 -12.52 8.64 -0.90
CA SER C 28 -13.26 7.82 -1.85
C SER C 28 -12.41 6.66 -2.33
N ILE C 29 -12.98 5.45 -2.28
CA ILE C 29 -12.25 4.33 -2.86
C ILE C 29 -12.26 4.35 -4.39
N SER C 30 -12.95 5.31 -5.01
CA SER C 30 -13.08 5.28 -6.47
C SER C 30 -12.18 6.27 -7.21
N SER C 31 -11.37 7.07 -6.52
CA SER C 31 -10.43 7.92 -7.24
C SER C 31 -9.28 8.30 -6.31
N GLY C 32 -8.22 8.86 -6.90
CA GLY C 32 -7.02 9.24 -6.17
C GLY C 32 -5.82 8.34 -6.41
N GLY C 33 -6.04 7.17 -7.00
CA GLY C 33 -4.97 6.22 -7.23
C GLY C 33 -4.51 5.53 -5.97
N TYR C 34 -5.41 5.26 -5.03
CA TYR C 34 -5.01 4.61 -3.79
C TYR C 34 -5.32 3.13 -3.85
N TYR C 35 -4.54 2.34 -3.11
CA TYR C 35 -4.73 0.90 -3.03
C TYR C 35 -5.47 0.55 -1.75
N TRP C 36 -6.51 -0.29 -1.87
CA TRP C 36 -7.37 -0.68 -0.75
C TRP C 36 -7.26 -2.19 -0.59
N SER C 37 -6.85 -2.64 0.60
CA SER C 37 -6.31 -3.97 0.75
C SER C 37 -6.96 -4.75 1.89
N TRP C 38 -6.85 -6.06 1.79
CA TRP C 38 -7.08 -6.98 2.90
C TRP C 38 -5.75 -7.66 3.27
N ILE C 39 -5.47 -7.71 4.56
CA ILE C 39 -4.24 -8.28 5.11
C ILE C 39 -4.68 -9.05 6.35
N ARG C 40 -4.14 -10.24 6.57
CA ARG C 40 -4.50 -10.95 7.79
C ARG C 40 -3.26 -11.25 8.61
N GLN C 41 -3.50 -11.55 9.89
CA GLN C 41 -2.43 -11.80 10.82
C GLN C 41 -2.97 -12.79 11.84
N HIS C 42 -2.49 -14.02 11.80
CA HIS C 42 -2.78 -14.93 12.88
C HIS C 42 -2.07 -14.45 14.15
N PRO C 43 -2.75 -14.44 15.30
CA PRO C 43 -2.13 -13.93 16.53
C PRO C 43 -0.79 -14.59 16.79
N GLY C 44 0.20 -13.78 17.17
CA GLY C 44 1.55 -14.27 17.36
C GLY C 44 2.31 -14.63 16.10
N LYS C 45 1.80 -14.28 14.92
CA LYS C 45 2.55 -14.57 13.70
C LYS C 45 2.58 -13.38 12.75
N GLY C 46 3.00 -13.62 11.51
CA GLY C 46 3.38 -12.53 10.61
C GLY C 46 2.18 -11.87 9.94
N LEU C 47 2.50 -11.10 8.90
CA LEU C 47 1.49 -10.46 8.08
C LEU C 47 1.41 -11.17 6.73
N GLU C 48 0.20 -11.35 6.23
CA GLU C 48 0.02 -11.95 4.91
C GLU C 48 -0.96 -11.11 4.11
N TRP C 49 -0.48 -10.49 3.04
CA TRP C 49 -1.36 -9.79 2.11
C TRP C 49 -2.32 -10.78 1.47
N ILE C 50 -3.58 -10.40 1.36
CA ILE C 50 -4.60 -11.22 0.67
C ILE C 50 -4.90 -10.69 -0.73
N GLY C 51 -5.23 -9.41 -0.85
CA GLY C 51 -5.45 -8.80 -2.16
C GLY C 51 -5.75 -7.33 -2.01
N TYR C 52 -5.77 -6.62 -3.13
CA TYR C 52 -6.16 -5.22 -3.06
C TYR C 52 -6.91 -4.80 -4.32
N ILE C 53 -7.52 -3.63 -4.25
CA ILE C 53 -8.10 -2.95 -5.40
C ILE C 53 -7.36 -1.64 -5.58
N TYR C 54 -7.22 -1.22 -6.84
CA TYR C 54 -6.60 0.06 -7.19
C TYR C 54 -7.74 0.96 -7.62
N ASP C 55 -7.96 2.04 -6.88
CA ASP C 55 -9.23 2.77 -6.97
C ASP C 55 -10.32 1.69 -6.88
N SER C 56 -11.24 1.61 -7.83
CA SER C 56 -12.27 0.58 -7.77
C SER C 56 -12.34 -0.23 -9.05
N GLY C 57 -11.26 -0.27 -9.82
CA GLY C 57 -11.31 -0.72 -11.19
C GLY C 57 -10.52 -1.97 -11.49
N SER C 58 -9.45 -2.20 -10.76
CA SER C 58 -8.61 -3.38 -10.94
C SER C 58 -8.42 -4.06 -9.61
N THR C 59 -8.28 -5.39 -9.64
CA THR C 59 -8.13 -6.24 -8.46
C THR C 59 -6.97 -7.20 -8.66
N TYR C 60 -6.14 -7.35 -7.63
CA TYR C 60 -5.01 -8.28 -7.69
C TYR C 60 -4.92 -9.01 -6.36
N TYR C 61 -4.59 -10.29 -6.43
CA TYR C 61 -4.61 -11.20 -5.30
C TYR C 61 -3.26 -11.85 -5.04
N ASN C 62 -3.06 -12.28 -3.81
CA ASN C 62 -1.90 -13.07 -3.47
C ASN C 62 -1.98 -14.39 -4.23
N PRO C 63 -0.95 -14.77 -4.99
CA PRO C 63 -1.09 -15.95 -5.87
C PRO C 63 -1.39 -17.24 -5.13
N SER C 64 -0.86 -17.42 -3.91
CA SER C 64 -1.12 -18.61 -3.13
C SER C 64 -2.55 -18.68 -2.62
N LEU C 65 -3.32 -17.60 -2.70
CA LEU C 65 -4.70 -17.58 -2.22
C LEU C 65 -5.71 -17.32 -3.31
N LYS C 66 -5.24 -16.95 -4.52
CA LYS C 66 -6.13 -16.46 -5.57
C LYS C 66 -7.31 -17.39 -5.82
N SER C 67 -7.08 -18.70 -5.77
CA SER C 67 -8.12 -19.65 -6.11
C SER C 67 -9.25 -19.71 -5.07
N ARG C 68 -9.06 -19.12 -3.88
CA ARG C 68 -10.07 -19.14 -2.83
C ARG C 68 -10.69 -17.78 -2.54
N VAL C 69 -10.23 -16.72 -3.21
CA VAL C 69 -10.49 -15.37 -2.75
C VAL C 69 -11.16 -14.55 -3.84
N THR C 70 -12.19 -13.79 -3.47
CA THR C 70 -12.76 -12.75 -4.32
C THR C 70 -12.84 -11.44 -3.53
N ILE C 71 -12.53 -10.34 -4.19
CA ILE C 71 -12.76 -9.00 -3.63
C ILE C 71 -13.73 -8.28 -4.55
N SER C 72 -14.75 -7.67 -3.97
CA SER C 72 -15.74 -6.91 -4.73
C SER C 72 -15.84 -5.52 -4.16
N VAL C 73 -16.49 -4.63 -4.91
CA VAL C 73 -16.52 -3.20 -4.61
C VAL C 73 -17.94 -2.69 -4.71
N ASP C 74 -18.29 -1.76 -3.83
CA ASP C 74 -19.57 -1.06 -3.88
C ASP C 74 -19.24 0.43 -3.82
N THR C 75 -18.99 1.03 -5.00
CA THR C 75 -18.58 2.42 -5.02
C THR C 75 -19.66 3.32 -4.43
N SER C 76 -20.92 2.95 -4.58
CA SER C 76 -21.99 3.79 -4.06
C SER C 76 -21.93 3.89 -2.54
N LYS C 77 -21.53 2.80 -1.87
CA LYS C 77 -21.44 2.81 -0.41
C LYS C 77 -20.03 3.04 0.10
N ASN C 78 -19.06 3.26 -0.81
CA ASN C 78 -17.67 3.42 -0.41
C ASN C 78 -17.19 2.22 0.41
N GLN C 79 -17.54 1.01 -0.03
CA GLN C 79 -17.15 -0.22 0.64
C GLN C 79 -16.49 -1.17 -0.34
N PHE C 80 -15.61 -2.02 0.18
CA PHE C 80 -15.13 -3.18 -0.56
C PHE C 80 -15.16 -4.37 0.37
N SER C 81 -15.23 -5.56 -0.21
CA SER C 81 -15.56 -6.77 0.53
C SER C 81 -14.68 -7.93 0.10
N LEU C 82 -14.55 -8.91 0.98
CA LEU C 82 -13.69 -10.05 0.75
C LEU C 82 -14.49 -11.33 0.92
N LYS C 83 -14.29 -12.28 0.01
CA LYS C 83 -14.87 -13.62 0.14
C LYS C 83 -13.75 -14.64 0.12
N LEU C 84 -13.63 -15.42 1.19
CA LEU C 84 -12.62 -16.47 1.28
C LEU C 84 -13.33 -17.81 1.43
N SER C 85 -13.14 -18.71 0.47
CA SER C 85 -13.88 -19.97 0.41
C SER C 85 -13.11 -21.11 1.07
N SER C 86 -13.83 -22.18 1.39
CA SER C 86 -13.22 -23.43 1.86
C SER C 86 -12.35 -23.21 3.10
N VAL C 87 -12.90 -22.53 4.11
CA VAL C 87 -12.06 -22.10 5.22
C VAL C 87 -11.67 -23.30 6.09
N THR C 88 -10.48 -23.22 6.67
CA THR C 88 -9.90 -24.23 7.55
C THR C 88 -9.42 -23.52 8.81
N ALA C 89 -9.15 -24.31 9.86
CA ALA C 89 -8.54 -23.77 11.08
C ALA C 89 -7.33 -22.88 10.77
N ALA C 90 -6.64 -23.13 9.65
CA ALA C 90 -5.51 -22.30 9.26
C ALA C 90 -5.93 -20.89 8.83
N ASP C 91 -7.22 -20.62 8.66
CA ASP C 91 -7.69 -19.28 8.29
C ASP C 91 -8.10 -18.45 9.49
N THR C 92 -8.08 -19.02 10.71
CA THR C 92 -8.32 -18.21 11.89
C THR C 92 -7.25 -17.15 12.01
N ALA C 93 -7.67 -15.89 12.08
CA ALA C 93 -6.72 -14.78 12.02
C ALA C 93 -7.45 -13.48 12.33
N LEU C 94 -6.67 -12.44 12.58
CA LEU C 94 -7.18 -11.08 12.58
C LEU C 94 -7.09 -10.54 11.16
N TYR C 95 -8.22 -10.07 10.61
CA TYR C 95 -8.33 -9.60 9.24
C TYR C 95 -8.43 -8.07 9.23
N TYR C 96 -7.40 -7.40 8.71
CA TYR C 96 -7.40 -5.95 8.58
C TYR C 96 -7.80 -5.55 7.18
N CYS C 97 -8.49 -4.42 7.05
CA CYS C 97 -8.43 -3.68 5.78
C CYS C 97 -7.54 -2.46 5.94
N ALA C 98 -6.82 -2.12 4.86
CA ALA C 98 -5.75 -1.15 5.00
C ALA C 98 -5.46 -0.52 3.65
N SER C 99 -4.98 0.72 3.69
CA SER C 99 -4.44 1.37 2.51
C SER C 99 -3.01 1.79 2.85
N LEU C 100 -2.02 1.24 2.11
CA LEU C 100 -0.63 1.52 2.45
C LEU C 100 0.02 2.37 1.37
N PRO C 101 0.99 3.20 1.73
CA PRO C 101 1.56 4.14 0.76
C PRO C 101 2.47 3.46 -0.22
N TYR C 102 2.45 3.95 -1.45
CA TYR C 102 3.55 3.74 -2.37
C TYR C 102 4.24 5.07 -2.58
N CYS C 103 5.55 5.05 -2.74
CA CYS C 103 6.31 6.28 -2.66
C CYS C 103 7.36 6.36 -3.76
N SER C 104 7.79 7.58 -4.04
CA SER C 104 8.92 7.84 -4.91
C SER C 104 9.24 9.32 -4.82
N GLY C 105 10.53 9.66 -4.80
CA GLY C 105 10.91 11.07 -4.79
C GLY C 105 10.36 11.85 -3.62
N ARG C 106 10.18 11.21 -2.45
CA ARG C 106 9.66 11.76 -1.19
C ARG C 106 8.15 11.93 -1.21
N ILE C 107 7.46 11.60 -2.31
CA ILE C 107 6.01 11.73 -2.42
C ILE C 107 5.39 10.37 -2.14
N CYS C 108 4.47 10.31 -1.18
CA CYS C 108 3.82 9.06 -0.79
C CYS C 108 2.32 9.17 -0.92
N ARG C 109 1.69 8.14 -1.48
CA ARG C 109 0.26 8.15 -1.72
C ARG C 109 -0.38 6.90 -1.11
N PRO C 110 -1.18 7.05 -0.03
CA PRO C 110 -1.46 8.31 0.66
C PRO C 110 -0.26 8.75 1.46
N ARG C 111 -0.27 9.95 2.03
CA ARG C 111 0.91 10.46 2.74
C ARG C 111 1.20 9.68 4.01
N THR C 112 0.22 8.98 4.57
CA THR C 112 0.42 8.11 5.72
C THR C 112 -0.43 6.87 5.51
N ASP C 113 -0.12 5.80 6.24
CA ASP C 113 -0.86 4.56 6.09
C ASP C 113 -2.15 4.60 6.91
N TYR C 114 -3.19 3.94 6.40
CA TYR C 114 -4.47 3.83 7.12
C TYR C 114 -4.81 2.36 7.35
N TRP C 115 -5.17 2.03 8.61
CA TRP C 115 -5.54 0.68 8.98
C TRP C 115 -6.85 0.73 9.75
N GLY C 116 -7.73 -0.23 9.49
CA GLY C 116 -8.82 -0.49 10.43
C GLY C 116 -8.28 -1.17 11.67
N GLN C 117 -9.16 -1.38 12.65
CA GLN C 117 -8.73 -2.06 13.87
C GLN C 117 -8.59 -3.56 13.68
N GLY C 118 -9.10 -4.11 12.59
CA GLY C 118 -9.11 -5.52 12.30
C GLY C 118 -10.32 -6.19 12.90
N THR C 119 -10.79 -7.25 12.24
CA THR C 119 -11.88 -8.04 12.78
C THR C 119 -11.41 -9.48 12.94
N LEU C 120 -11.67 -10.05 14.12
CA LEU C 120 -11.22 -11.40 14.43
C LEU C 120 -12.20 -12.41 13.85
N VAL C 121 -11.67 -13.41 13.16
CA VAL C 121 -12.46 -14.47 12.53
C VAL C 121 -11.92 -15.79 13.05
N THR C 122 -12.78 -16.54 13.73
CA THR C 122 -12.44 -17.88 14.24
C THR C 122 -13.14 -18.93 13.38
N VAL C 123 -12.39 -19.87 12.84
CA VAL C 123 -12.97 -20.98 12.09
C VAL C 123 -13.21 -22.14 13.04
N SER C 124 -14.47 -22.52 13.23
CA SER C 124 -14.81 -23.53 14.22
C SER C 124 -16.22 -24.04 13.95
N SER C 125 -16.45 -25.30 14.30
CA SER C 125 -17.80 -25.86 14.19
C SER C 125 -18.58 -25.74 15.49
N ALA C 126 -17.96 -25.20 16.55
CA ALA C 126 -18.69 -24.99 17.79
C ALA C 126 -19.63 -23.80 17.66
N SER C 127 -20.74 -23.85 18.39
CA SER C 127 -21.71 -22.78 18.21
C SER C 127 -21.33 -21.55 19.04
N THR C 128 -21.91 -20.41 18.65
CA THR C 128 -21.76 -19.17 19.40
C THR C 128 -22.37 -19.31 20.80
N LYS C 129 -21.83 -18.54 21.74
CA LYS C 129 -22.42 -18.45 23.08
C LYS C 129 -22.05 -17.09 23.66
N GLY C 130 -23.06 -16.37 24.16
CA GLY C 130 -22.83 -15.06 24.72
C GLY C 130 -22.52 -15.15 26.19
N PRO C 131 -21.80 -14.17 26.71
CA PRO C 131 -21.37 -14.24 28.12
C PRO C 131 -22.50 -13.90 29.09
N SER C 132 -22.27 -14.26 30.35
CA SER C 132 -22.97 -13.70 31.48
C SER C 132 -22.07 -12.64 32.10
N VAL C 133 -22.63 -11.48 32.42
CA VAL C 133 -21.87 -10.35 32.94
C VAL C 133 -22.21 -10.14 34.41
N PHE C 134 -21.19 -10.07 35.25
CA PHE C 134 -21.41 -9.78 36.65
C PHE C 134 -20.57 -8.56 37.05
N PRO C 135 -21.04 -7.76 37.99
CA PRO C 135 -20.29 -6.56 38.39
C PRO C 135 -19.25 -6.90 39.46
N LEU C 136 -18.11 -6.21 39.38
CA LEU C 136 -17.01 -6.36 40.33
C LEU C 136 -17.01 -5.12 41.24
N ALA C 137 -17.61 -5.25 42.42
CA ALA C 137 -17.85 -4.09 43.29
C ALA C 137 -16.56 -3.65 43.98
N PRO C 138 -16.45 -2.35 44.32
CA PRO C 138 -15.28 -1.76 45.00
C PRO C 138 -14.76 -2.55 46.20
N THR C 147 -8.77 6.70 46.26
CA THR C 147 -8.65 5.82 45.09
C THR C 147 -9.12 4.39 45.38
N ALA C 148 -9.77 3.77 44.41
CA ALA C 148 -10.39 2.46 44.59
C ALA C 148 -10.50 1.72 43.26
N ALA C 149 -10.69 0.40 43.35
CA ALA C 149 -10.78 -0.48 42.20
C ALA C 149 -12.21 -0.94 41.97
N LEU C 150 -12.55 -1.19 40.72
CA LEU C 150 -13.94 -1.36 40.28
C LEU C 150 -13.92 -2.07 38.94
N GLY C 151 -14.90 -2.94 38.68
CA GLY C 151 -14.79 -3.67 37.42
C GLY C 151 -16.04 -4.45 37.02
N CYS C 152 -15.86 -5.31 36.01
CA CYS C 152 -16.90 -6.11 35.40
C CYS C 152 -16.35 -7.47 34.96
N LEU C 153 -17.03 -8.54 35.33
CA LEU C 153 -16.63 -9.90 35.02
C LEU C 153 -17.48 -10.44 33.87
N VAL C 154 -16.83 -10.86 32.78
CA VAL C 154 -17.51 -11.28 31.55
C VAL C 154 -17.17 -12.75 31.33
N LYS C 155 -18.13 -13.63 31.60
CA LYS C 155 -17.86 -15.04 31.82
C LYS C 155 -18.41 -15.90 30.69
N ASP C 156 -17.56 -16.80 30.18
CA ASP C 156 -17.94 -18.02 29.45
C ASP C 156 -18.66 -17.70 28.14
N TYR C 157 -17.90 -17.10 27.22
CA TYR C 157 -18.38 -16.77 25.88
C TYR C 157 -17.47 -17.40 24.83
N PHE C 158 -17.97 -17.43 23.58
CA PHE C 158 -17.27 -18.00 22.42
C PHE C 158 -17.90 -17.48 21.14
N PRO C 159 -17.11 -17.10 20.12
CA PRO C 159 -15.65 -17.02 20.15
C PRO C 159 -15.19 -15.66 20.65
N GLU C 160 -13.88 -15.41 20.58
CA GLU C 160 -13.39 -14.07 20.84
C GLU C 160 -13.84 -13.14 19.72
N PRO C 161 -13.88 -11.82 19.96
CA PRO C 161 -13.58 -11.06 21.19
C PRO C 161 -14.81 -10.46 21.86
N VAL C 162 -14.60 -9.83 23.01
CA VAL C 162 -15.61 -9.02 23.70
C VAL C 162 -15.04 -7.61 23.84
N THR C 163 -15.90 -6.60 23.70
CA THR C 163 -15.52 -5.21 23.96
C THR C 163 -16.23 -4.71 25.20
N VAL C 164 -15.51 -3.97 26.03
CA VAL C 164 -16.03 -3.39 27.25
C VAL C 164 -15.69 -1.91 27.24
N SER C 165 -16.71 -1.06 27.25
CA SER C 165 -16.56 0.35 27.50
C SER C 165 -17.27 0.70 28.82
N TRP C 166 -16.95 1.87 29.35
CA TRP C 166 -17.49 2.29 30.63
C TRP C 166 -18.23 3.61 30.45
N ASN C 167 -19.49 3.65 30.90
CA ASN C 167 -20.34 4.83 30.78
C ASN C 167 -20.43 5.29 29.32
N SER C 168 -20.74 4.33 28.44
CA SER C 168 -20.86 4.54 26.99
C SER C 168 -19.65 5.23 26.40
N GLY C 169 -18.49 5.10 27.04
CA GLY C 169 -17.27 5.70 26.54
C GLY C 169 -16.90 7.01 27.22
N ALA C 170 -17.78 7.57 28.05
CA ALA C 170 -17.44 8.81 28.74
C ALA C 170 -16.28 8.60 29.71
N LEU C 171 -16.14 7.40 30.26
CA LEU C 171 -15.06 7.06 31.18
C LEU C 171 -14.07 6.15 30.46
N THR C 172 -12.89 6.70 30.15
CA THR C 172 -11.82 5.94 29.50
C THR C 172 -10.51 5.95 30.29
N SER C 173 -10.37 6.82 31.27
CA SER C 173 -9.12 6.99 31.98
C SER C 173 -9.03 6.02 33.15
N GLY C 174 -7.87 5.40 33.30
CA GLY C 174 -7.71 4.40 34.33
C GLY C 174 -8.38 3.08 34.04
N VAL C 175 -8.81 2.87 32.80
CA VAL C 175 -9.51 1.66 32.39
C VAL C 175 -8.50 0.64 31.90
N HIS C 176 -8.74 -0.63 32.24
CA HIS C 176 -7.89 -1.74 31.80
C HIS C 176 -8.77 -2.96 31.59
N THR C 177 -8.94 -3.38 30.34
CA THR C 177 -9.67 -4.60 30.02
C THR C 177 -8.65 -5.71 29.80
N PHE C 178 -8.76 -6.75 30.60
CA PHE C 178 -7.68 -7.71 30.60
C PHE C 178 -7.82 -8.68 29.43
N PRO C 179 -6.70 -9.22 28.96
CA PRO C 179 -6.77 -10.33 28.00
C PRO C 179 -7.55 -11.49 28.58
N ALA C 180 -8.26 -12.20 27.70
CA ALA C 180 -9.18 -13.25 28.14
C ALA C 180 -8.44 -14.52 28.52
N VAL C 181 -9.04 -15.31 29.41
CA VAL C 181 -8.56 -16.66 29.71
C VAL C 181 -9.30 -17.64 28.82
N LEU C 182 -8.57 -18.59 28.23
CA LEU C 182 -9.21 -19.75 27.60
C LEU C 182 -9.26 -20.84 28.65
N GLN C 183 -10.48 -21.21 29.05
CA GLN C 183 -10.68 -22.20 30.09
C GLN C 183 -10.83 -23.60 29.48
N SER C 184 -10.73 -24.62 30.35
CA SER C 184 -10.79 -26.01 29.92
C SER C 184 -12.11 -26.35 29.25
N SER C 185 -13.17 -25.57 29.49
CA SER C 185 -14.44 -25.82 28.81
C SER C 185 -14.39 -25.45 27.34
N GLY C 186 -13.37 -24.68 26.91
CA GLY C 186 -13.33 -24.16 25.57
C GLY C 186 -13.92 -22.77 25.41
N LEU C 187 -14.61 -22.27 26.44
CA LEU C 187 -15.17 -20.93 26.43
C LEU C 187 -14.22 -19.97 27.15
N TYR C 188 -14.40 -18.68 26.86
CA TYR C 188 -13.52 -17.61 27.34
C TYR C 188 -14.20 -16.80 28.44
N SER C 189 -13.39 -16.22 29.33
CA SER C 189 -13.85 -15.17 30.23
C SER C 189 -12.82 -14.05 30.27
N LEU C 190 -13.27 -12.85 30.64
CA LEU C 190 -12.34 -11.74 30.84
C LEU C 190 -12.90 -10.81 31.91
N SER C 191 -12.07 -9.89 32.37
CA SER C 191 -12.52 -8.84 33.27
C SER C 191 -12.02 -7.49 32.79
N SER C 192 -12.81 -6.46 33.07
CA SER C 192 -12.41 -5.09 32.81
C SER C 192 -12.52 -4.33 34.13
N VAL C 193 -11.48 -3.57 34.48
CA VAL C 193 -11.48 -2.80 35.72
C VAL C 193 -11.17 -1.35 35.43
N VAL C 194 -11.65 -0.47 36.30
CA VAL C 194 -11.31 0.95 36.22
C VAL C 194 -11.03 1.46 37.62
N THR C 195 -9.86 2.09 37.79
CA THR C 195 -9.49 2.70 39.06
C THR C 195 -10.08 4.10 39.13
N VAL C 196 -10.59 4.45 40.30
CA VAL C 196 -11.58 5.52 40.47
C VAL C 196 -11.45 6.09 41.89
N PRO C 197 -11.78 7.39 42.14
CA PRO C 197 -11.84 8.06 43.45
C PRO C 197 -12.14 7.19 44.68
N THR C 205 -21.95 7.43 39.37
CA THR C 205 -22.51 6.22 38.76
C THR C 205 -21.58 5.64 37.70
N TYR C 206 -21.47 4.30 37.69
CA TYR C 206 -20.59 3.58 36.78
C TYR C 206 -21.33 2.40 36.17
N ILE C 207 -21.28 2.31 34.84
CA ILE C 207 -21.88 1.20 34.11
C ILE C 207 -20.87 0.72 33.09
N CYS C 208 -20.66 -0.59 33.00
CA CYS C 208 -19.85 -1.17 31.94
C CYS C 208 -20.75 -1.67 30.83
N ASN C 209 -20.38 -1.38 29.59
CA ASN C 209 -21.12 -1.78 28.40
C ASN C 209 -20.34 -2.88 27.70
N VAL C 210 -20.86 -4.09 27.77
CA VAL C 210 -20.22 -5.26 27.19
C VAL C 210 -20.92 -5.59 25.88
N ASN C 211 -20.14 -5.89 24.86
CA ASN C 211 -20.67 -6.28 23.56
C ASN C 211 -19.92 -7.49 23.05
N HIS C 212 -20.67 -8.52 22.68
CA HIS C 212 -20.14 -9.73 22.07
C HIS C 212 -20.83 -9.87 20.72
N LYS C 213 -20.24 -9.30 19.67
CA LYS C 213 -20.91 -9.28 18.38
C LYS C 213 -21.25 -10.67 17.85
N PRO C 214 -20.43 -11.72 17.98
CA PRO C 214 -20.83 -13.04 17.46
C PRO C 214 -22.13 -13.57 18.00
N SER C 215 -22.62 -13.07 19.13
CA SER C 215 -23.91 -13.49 19.65
C SER C 215 -24.90 -12.33 19.75
N ASN C 216 -24.55 -11.17 19.20
CA ASN C 216 -25.38 -9.96 19.30
C ASN C 216 -25.84 -9.71 20.73
N THR C 217 -24.96 -10.05 21.68
CA THR C 217 -25.23 -9.80 23.08
C THR C 217 -24.65 -8.43 23.44
N LYS C 218 -25.53 -7.48 23.71
CA LYS C 218 -25.18 -6.24 24.36
C LYS C 218 -25.73 -6.33 25.78
N VAL C 219 -24.91 -5.98 26.76
CA VAL C 219 -25.36 -5.87 28.14
C VAL C 219 -24.73 -4.62 28.75
N ASP C 220 -25.54 -3.81 29.42
CA ASP C 220 -25.06 -2.75 30.27
C ASP C 220 -25.16 -3.22 31.72
N LYS C 221 -24.08 -3.08 32.48
CA LYS C 221 -24.07 -3.54 33.85
C LYS C 221 -23.72 -2.38 34.76
N ARG C 222 -24.67 -2.01 35.62
CA ARG C 222 -24.42 -1.02 36.64
C ARG C 222 -23.75 -1.68 37.83
N VAL C 223 -22.60 -1.17 38.24
CA VAL C 223 -21.82 -1.74 39.32
C VAL C 223 -21.72 -0.70 40.43
N GLU C 224 -22.49 -0.93 41.54
CA GLU C 224 -22.80 -0.13 42.72
C GLU C 224 -21.93 -0.51 43.89
N PRO C 225 -21.67 0.43 44.82
CA PRO C 225 -21.05 0.13 46.12
C PRO C 225 -21.93 -0.76 46.99
#